data_8PO7
#
_entry.id   8PO7
#
_cell.length_a   80.470
_cell.length_b   106.124
_cell.length_c   178.276
_cell.angle_alpha   90.000
_cell.angle_beta   90.000
_cell.angle_gamma   90.000
#
_symmetry.space_group_name_H-M   'P 21 21 21'
#
loop_
_entity.id
_entity.type
_entity.pdbx_description
1 polymer 'ATP-dependent RNA helicase HrpA'
2 polymer "DNA (5'-D(P*CP*C)-3')"
3 non-polymer "ADENOSINE-5'-DIPHOSPHATE"
4 non-polymer 'MAGNESIUM ION'
5 non-polymer 'PHOSPHATE ION'
6 water water
#
loop_
_entity_poly.entity_id
_entity_poly.type
_entity_poly.pdbx_seq_one_letter_code
_entity_poly.pdbx_strand_id
1 'polypeptide(L)'
;MTEQQKLTFTALQQRLDSLMLRDRLRFSRRLHGVKKVKNPDAQQAIFQEMAKEIDQAAGKVLLREAARPEITYPDNLPVS
QKKQDILEAIRDHQVVIVAGETGSGKTTQLPKICMELGRGIKGLIGHTQPRRLAARTVANRIAEELKTEPGGCIGYKVRF
SNHVSDNTMVKLMTDGILLAEIQQDRLLMQYDTIIIDEAHERSLNIDFLLGYLKELLPRRPDLKIIITSATIDPERFSRH
FNNAPIIEVSGRTYPVEVRYRPIVEEADDTERDQLQAIFDAVDELSQESPGDILIFMSGEREIRDTADALNKLNLRHTEI
LPLYARLSNSEQNRVFQSHSGRRIVLATNVAETSLTVPGIKYVIDPGTARISRYSYRTKVQRLPIEPISQASANQRKGRC
GRVSEGICIRLYSEDDFLSRPEFTDPEILRTNLASVILQMTALGLGDIAAFPFVEAPDKRNIQDGVRLLEELGAITTDEQ
ASAYKLTPLGRQLSQLPVDPRLARMVLEAQKHGCVREAMIITSALSIQDPRERPMDKQQASDEKHRRFHDKESDFLAFVN
LWNYLGEQQKALSSNAFRRLCRTDYLNYLRVREWQDIYTQLRQVVKELGIPVNSEPAEYREIHIALLTGLLSHIGMKDAD
KQEYTGARNARFSIFPGSGLFKKPPKWVMVAELVETSRLWGRIAARIDPEWVEPVAQHLIKRTYSEPHWERAQGAVMATE
KVTVYGLPIVAARKVNYSQIDPALCRELFIRHALVEGD
;
A,B
2 'polydeoxyribonucleotide' (DC)(DC) C
#
loop_
_chem_comp.id
_chem_comp.type
_chem_comp.name
_chem_comp.formula
ADP non-polymer ADENOSINE-5'-DIPHOSPHATE 'C10 H15 N5 O10 P2'
DC DNA linking 2'-DEOXYCYTIDINE-5'-MONOPHOSPHATE 'C9 H14 N3 O7 P'
MG non-polymer 'MAGNESIUM ION' 'Mg 2'
PO4 non-polymer 'PHOSPHATE ION' 'O4 P -3'
#
# COMPACT_ATOMS: atom_id res chain seq x y z
N GLN A 4 28.32 43.02 36.40
CA GLN A 4 27.90 44.08 37.30
C GLN A 4 26.89 43.60 38.33
N GLN A 5 25.80 42.96 37.88
CA GLN A 5 24.73 42.52 38.76
C GLN A 5 24.75 41.01 38.94
N LYS A 6 24.23 40.57 40.09
CA LYS A 6 24.44 39.23 40.61
C LYS A 6 23.83 38.14 39.75
N LEU A 7 24.61 37.09 39.49
CA LEU A 7 24.18 35.89 38.79
C LEU A 7 24.03 34.75 39.79
N THR A 8 23.28 33.72 39.36
CA THR A 8 22.93 32.57 40.22
C THR A 8 23.06 31.28 39.43
N PHE A 9 23.22 30.17 40.17
CA PHE A 9 23.25 28.86 39.53
C PHE A 9 22.02 28.60 38.67
N THR A 10 20.82 28.86 39.21
CA THR A 10 19.60 28.51 38.47
C THR A 10 19.46 29.33 37.20
N ALA A 11 19.77 30.62 37.27
CA ALA A 11 19.60 31.44 36.07
C ALA A 11 20.61 31.06 35.00
N LEU A 12 21.87 30.83 35.38
CA LEU A 12 22.85 30.37 34.40
C LEU A 12 22.44 29.02 33.82
N GLN A 13 21.92 28.12 34.65
CA GLN A 13 21.58 26.79 34.17
C GLN A 13 20.37 26.84 33.24
N GLN A 14 19.44 27.76 33.47
CA GLN A 14 18.33 27.88 32.52
C GLN A 14 18.79 28.45 31.19
N ARG A 15 19.90 29.18 31.18
CA ARG A 15 20.42 29.71 29.93
C ARG A 15 20.96 28.61 29.05
N LEU A 16 21.32 27.46 29.62
CA LEU A 16 21.97 26.44 28.82
C LEU A 16 21.02 25.72 27.89
N ASP A 17 19.72 25.98 27.99
CA ASP A 17 18.77 25.35 27.07
C ASP A 17 18.68 26.07 25.74
N SER A 18 19.32 27.23 25.59
CA SER A 18 19.40 27.85 24.28
C SER A 18 20.70 27.53 23.58
N LEU A 19 21.46 26.58 24.11
CA LEU A 19 22.74 26.20 23.54
C LEU A 19 22.65 24.90 22.75
N MET A 20 23.69 24.67 21.96
CA MET A 20 23.92 23.37 21.38
C MET A 20 24.21 22.38 22.49
N LEU A 21 23.81 21.11 22.26
CA LEU A 21 23.82 20.13 23.34
C LEU A 21 25.22 19.92 23.90
N ARG A 22 26.24 19.93 23.04
CA ARG A 22 27.61 19.78 23.53
C ARG A 22 28.04 20.98 24.37
N ASP A 23 27.65 22.19 23.97
CA ASP A 23 27.96 23.35 24.79
C ASP A 23 27.21 23.28 26.12
N ARG A 24 25.94 22.85 26.09
CA ARG A 24 25.19 22.78 27.33
C ARG A 24 25.81 21.77 28.29
N LEU A 25 26.26 20.63 27.76
CA LEU A 25 26.96 19.67 28.61
C LEU A 25 28.18 20.29 29.24
N ARG A 26 29.02 20.97 28.45
CA ARG A 26 30.28 21.49 28.98
C ARG A 26 30.03 22.55 30.06
N PHE A 27 29.17 23.52 29.74
CA PHE A 27 28.82 24.56 30.70
C PHE A 27 28.21 23.95 31.95
N SER A 28 27.35 22.94 31.78
CA SER A 28 26.69 22.32 32.92
C SER A 28 27.71 21.67 33.83
N ARG A 29 28.73 21.01 33.26
CA ARG A 29 29.75 20.42 34.11
C ARG A 29 30.66 21.48 34.71
N ARG A 30 30.85 22.62 34.03
CA ARG A 30 31.61 23.71 34.64
C ARG A 30 30.85 24.30 35.83
N LEU A 31 29.55 24.52 35.69
CA LEU A 31 28.74 25.06 36.79
C LEU A 31 28.72 24.09 37.97
N HIS A 32 28.63 22.78 37.67
CA HIS A 32 28.72 21.80 38.74
C HIS A 32 29.99 21.99 39.58
N GLY A 33 31.14 22.13 38.91
CA GLY A 33 32.37 22.44 39.62
C GLY A 33 32.27 23.70 40.47
N VAL A 34 31.56 24.72 39.96
CA VAL A 34 31.49 25.98 40.71
C VAL A 34 30.75 25.75 42.02
N LYS A 35 29.88 24.75 42.07
CA LYS A 35 29.16 24.42 43.31
C LYS A 35 30.07 23.94 44.42
N LYS A 36 31.33 23.58 44.12
CA LYS A 36 32.27 23.16 45.15
C LYS A 36 33.30 24.24 45.49
N VAL A 37 33.19 25.42 44.88
CA VAL A 37 34.06 26.54 45.20
C VAL A 37 33.53 27.20 46.47
N LYS A 38 34.38 27.30 47.50
CA LYS A 38 33.91 27.74 48.81
C LYS A 38 33.79 29.26 48.91
N ASN A 39 34.58 30.00 48.14
CA ASN A 39 34.61 31.46 48.13
C ASN A 39 33.49 32.01 47.24
N PRO A 40 32.44 32.60 47.83
CA PRO A 40 31.33 33.09 46.98
C PRO A 40 31.75 34.20 46.03
N ASP A 41 32.78 34.98 46.37
CA ASP A 41 33.27 36.00 45.44
C ASP A 41 33.96 35.37 44.23
N ALA A 42 34.71 34.29 44.45
CA ALA A 42 35.25 33.56 43.31
C ALA A 42 34.15 32.87 42.50
N GLN A 43 33.02 32.55 43.14
CA GLN A 43 31.94 31.94 42.37
C GLN A 43 31.28 32.99 41.50
N GLN A 44 31.10 34.21 42.04
CA GLN A 44 30.51 35.28 41.26
C GLN A 44 31.41 35.67 40.09
N ALA A 45 32.72 35.70 40.32
CA ALA A 45 33.66 36.02 39.24
C ALA A 45 33.59 34.98 38.13
N ILE A 46 33.60 33.69 38.50
CA ILE A 46 33.46 32.65 37.48
C ILE A 46 32.14 32.80 36.73
N PHE A 47 31.05 33.09 37.46
CA PHE A 47 29.76 33.30 36.81
C PHE A 47 29.85 34.39 35.76
N GLN A 48 30.42 35.54 36.13
CA GLN A 48 30.47 36.68 35.21
C GLN A 48 31.22 36.33 33.93
N GLU A 49 32.37 35.67 34.06
CA GLU A 49 33.08 35.17 32.90
C GLU A 49 32.23 34.19 32.10
N MET A 50 31.57 33.25 32.80
CA MET A 50 30.86 32.20 32.10
C MET A 50 29.61 32.72 31.40
N ALA A 51 28.97 33.77 31.93
CA ALA A 51 27.78 34.27 31.27
C ALA A 51 28.11 34.93 29.94
N LYS A 52 29.33 35.45 29.80
CA LYS A 52 29.74 36.00 28.51
C LYS A 52 30.12 34.92 27.52
N GLU A 53 30.64 33.79 27.99
CA GLU A 53 30.88 32.68 27.07
C GLU A 53 29.59 32.00 26.67
N ILE A 54 28.61 31.95 27.58
CA ILE A 54 27.29 31.45 27.21
C ILE A 54 26.66 32.33 26.15
N ASP A 55 26.66 33.66 26.37
CA ASP A 55 26.18 34.60 25.35
C ASP A 55 26.84 34.36 24.00
N GLN A 56 28.15 34.11 23.99
CA GLN A 56 28.85 33.81 22.74
C GLN A 56 28.35 32.50 22.15
N ALA A 57 28.36 31.44 22.95
CA ALA A 57 27.93 30.12 22.47
C ALA A 57 26.51 30.14 21.92
N ALA A 58 25.63 30.97 22.48
CA ALA A 58 24.27 31.01 21.94
C ALA A 58 24.24 31.58 20.53
N GLY A 59 25.27 32.33 20.13
CA GLY A 59 25.33 32.82 18.76
C GLY A 59 25.53 31.70 17.75
N LYS A 60 26.21 30.63 18.16
CA LYS A 60 26.35 29.45 17.30
C LYS A 60 24.98 28.93 16.87
N VAL A 61 24.01 28.92 17.79
CA VAL A 61 22.68 28.40 17.46
C VAL A 61 22.01 29.30 16.43
N LEU A 62 22.16 30.61 16.56
CA LEU A 62 21.41 31.49 15.67
C LEU A 62 22.04 31.57 14.29
N LEU A 63 23.36 31.35 14.18
CA LEU A 63 23.97 31.15 12.88
C LEU A 63 23.41 29.93 12.18
N ARG A 64 23.26 28.82 12.91
CA ARG A 64 22.73 27.59 12.33
C ARG A 64 21.27 27.73 11.95
N GLU A 65 20.45 28.38 12.78
CA GLU A 65 19.05 28.61 12.43
C GLU A 65 18.93 29.44 11.15
N ALA A 66 19.83 30.41 10.97
CA ALA A 66 19.81 31.20 9.74
C ALA A 66 20.07 30.34 8.52
N ALA A 67 20.78 29.23 8.68
CA ALA A 67 21.11 28.36 7.57
C ALA A 67 20.04 27.31 7.27
N ARG A 68 18.97 27.25 8.06
CA ARG A 68 17.98 26.19 7.86
C ARG A 68 17.32 26.34 6.48
N PRO A 69 17.28 25.30 5.67
CA PRO A 69 16.67 25.41 4.34
C PRO A 69 15.16 25.28 4.43
N GLU A 70 14.50 25.64 3.33
CA GLU A 70 13.08 25.37 3.19
C GLU A 70 12.91 23.88 2.90
N ILE A 71 12.03 23.23 3.65
CA ILE A 71 11.81 21.79 3.52
C ILE A 71 10.68 21.57 2.51
N THR A 72 10.95 20.77 1.48
CA THR A 72 9.92 20.32 0.54
C THR A 72 10.04 18.81 0.34
N TYR A 73 8.97 18.21 -0.17
CA TYR A 73 8.92 16.75 -0.39
C TYR A 73 8.38 16.43 -1.78
N PRO A 74 8.89 15.40 -2.44
CA PRO A 74 8.34 14.96 -3.74
C PRO A 74 6.95 14.34 -3.55
N ASP A 75 5.98 14.71 -4.42
CA ASP A 75 4.57 14.40 -4.17
C ASP A 75 4.34 12.91 -4.09
N ASN A 76 5.05 12.19 -4.95
CA ASN A 76 4.74 10.83 -5.31
C ASN A 76 5.32 9.82 -4.34
N LEU A 77 5.97 10.29 -3.29
CA LEU A 77 6.53 9.29 -2.39
C LEU A 77 5.57 9.01 -1.26
N PRO A 78 5.38 7.72 -0.95
CA PRO A 78 4.54 7.35 0.21
C PRO A 78 4.95 8.04 1.50
N VAL A 79 6.27 8.19 1.73
CA VAL A 79 6.75 8.84 2.95
C VAL A 79 6.36 10.31 2.95
N SER A 80 6.42 10.97 1.78
CA SER A 80 5.97 12.36 1.69
C SER A 80 4.48 12.47 1.95
N GLN A 81 3.69 11.54 1.43
CA GLN A 81 2.26 11.56 1.67
C GLN A 81 1.93 11.28 3.14
N LYS A 82 2.80 10.53 3.83
CA LYS A 82 2.61 10.14 5.22
C LYS A 82 3.43 10.99 6.18
N LYS A 83 3.91 12.15 5.72
CA LYS A 83 4.94 12.86 6.45
C LYS A 83 4.46 13.34 7.81
N GLN A 84 3.16 13.68 7.92
CA GLN A 84 2.65 14.22 9.17
C GLN A 84 2.51 13.11 10.21
N ASP A 85 2.09 11.93 9.78
CA ASP A 85 2.04 10.81 10.72
C ASP A 85 3.44 10.44 11.21
N ILE A 86 4.43 10.47 10.31
CA ILE A 86 5.79 10.17 10.73
C ILE A 86 6.32 11.23 11.68
N LEU A 87 6.14 12.50 11.31
CA LEU A 87 6.59 13.62 12.14
C LEU A 87 6.05 13.51 13.56
N GLU A 88 4.75 13.24 13.68
CA GLU A 88 4.13 13.16 14.99
C GLU A 88 4.64 11.97 15.80
N ALA A 89 4.90 10.83 15.13
CA ALA A 89 5.47 9.69 15.83
C ALA A 89 6.86 10.02 16.38
N ILE A 90 7.71 10.61 15.54
CA ILE A 90 9.04 11.01 15.98
C ILE A 90 8.93 12.04 17.10
N ARG A 91 8.03 13.01 16.94
CA ARG A 91 7.85 14.04 17.96
C ARG A 91 7.50 13.41 19.31
N ASP A 92 6.57 12.45 19.33
CA ASP A 92 6.02 11.95 20.58
C ASP A 92 6.73 10.71 21.11
N HIS A 93 7.74 10.17 20.44
CA HIS A 93 8.40 8.96 20.91
C HIS A 93 9.91 9.10 20.82
N GLN A 94 10.62 8.55 21.80
CA GLN A 94 12.07 8.62 21.77
C GLN A 94 12.64 7.73 20.67
N VAL A 95 12.03 6.56 20.45
CA VAL A 95 12.45 5.60 19.45
C VAL A 95 11.28 5.28 18.53
N VAL A 96 11.52 5.31 17.22
CA VAL A 96 10.52 4.94 16.23
C VAL A 96 11.13 3.94 15.26
N ILE A 97 10.35 2.94 14.85
CA ILE A 97 10.74 2.01 13.79
C ILE A 97 9.97 2.42 12.54
N VAL A 98 10.68 2.80 11.48
CA VAL A 98 10.04 3.15 10.22
C VAL A 98 10.32 2.02 9.24
N ALA A 99 9.27 1.32 8.82
CA ALA A 99 9.43 0.16 7.95
C ALA A 99 8.61 0.34 6.69
N GLY A 100 9.17 -0.04 5.57
CA GLY A 100 8.48 0.14 4.32
C GLY A 100 9.28 -0.43 3.17
N GLU A 101 8.55 -0.70 2.10
CA GLU A 101 9.15 -1.15 0.85
C GLU A 101 10.21 -0.19 0.36
N THR A 102 11.19 -0.75 -0.33
CA THR A 102 12.19 0.05 -1.01
C THR A 102 11.53 0.98 -2.00
N GLY A 103 11.97 2.23 -2.03
CA GLY A 103 11.35 3.21 -2.88
C GLY A 103 10.26 4.02 -2.20
N SER A 104 9.96 3.74 -0.93
CA SER A 104 8.95 4.50 -0.20
C SER A 104 9.37 5.96 0.03
N GLY A 105 10.67 6.22 0.07
CA GLY A 105 11.19 7.52 0.48
C GLY A 105 11.75 7.62 1.89
N LYS A 106 12.07 6.48 2.53
CA LYS A 106 12.62 6.51 3.89
C LYS A 106 13.97 7.23 3.94
N THR A 107 14.92 6.78 3.13
CA THR A 107 16.27 7.29 3.23
C THR A 107 16.36 8.77 2.87
N THR A 108 15.67 9.20 1.81
CA THR A 108 15.85 10.58 1.36
C THR A 108 14.95 11.58 2.08
N GLN A 109 13.81 11.17 2.65
CA GLN A 109 12.90 12.12 3.28
C GLN A 109 12.92 12.13 4.80
N LEU A 110 13.27 11.01 5.46
CA LEU A 110 13.27 11.02 6.93
C LEU A 110 14.14 12.11 7.54
N PRO A 111 15.36 12.39 7.05
CA PRO A 111 16.11 13.51 7.63
C PRO A 111 15.41 14.85 7.47
N LYS A 112 14.69 15.05 6.37
CA LYS A 112 13.92 16.29 6.18
C LYS A 112 12.86 16.43 7.24
N ILE A 113 12.16 15.33 7.53
CA ILE A 113 11.10 15.36 8.53
C ILE A 113 11.67 15.74 9.88
N CYS A 114 12.85 15.22 10.23
CA CYS A 114 13.45 15.61 11.50
C CYS A 114 13.80 17.09 11.51
N MET A 115 14.25 17.62 10.39
CA MET A 115 14.51 19.06 10.30
C MET A 115 13.23 19.86 10.45
N GLU A 116 12.14 19.40 9.82
CA GLU A 116 10.88 20.11 9.95
C GLU A 116 10.41 20.14 11.39
N LEU A 117 10.67 19.08 12.15
CA LEU A 117 10.36 19.03 13.57
C LEU A 117 11.16 20.02 14.40
N GLY A 118 12.22 20.60 13.83
CA GLY A 118 13.08 21.49 14.56
C GLY A 118 14.36 20.85 15.06
N ARG A 119 14.59 19.57 14.77
CA ARG A 119 15.84 18.95 15.16
C ARG A 119 16.94 19.29 14.17
N GLY A 120 18.17 18.98 14.55
CA GLY A 120 19.32 19.24 13.72
C GLY A 120 19.93 20.61 13.90
N ILE A 121 19.41 21.42 14.83
CA ILE A 121 19.97 22.72 15.17
C ILE A 121 20.86 22.64 16.40
N LYS A 122 20.34 22.08 17.51
CA LYS A 122 21.14 22.01 18.73
C LYS A 122 22.10 20.82 18.74
N GLY A 123 21.83 19.80 17.94
CA GLY A 123 22.78 18.75 17.67
C GLY A 123 22.54 18.30 16.25
N LEU A 124 23.39 17.38 15.77
CA LEU A 124 23.25 16.92 14.40
C LEU A 124 22.24 15.78 14.31
N ILE A 125 21.60 15.67 13.15
CA ILE A 125 20.82 14.49 12.78
C ILE A 125 21.80 13.53 12.11
N GLY A 126 22.22 12.49 12.83
CA GLY A 126 23.15 11.51 12.26
C GLY A 126 22.39 10.42 11.52
N HIS A 127 22.91 10.03 10.36
CA HIS A 127 22.18 9.12 9.47
C HIS A 127 23.16 8.10 8.92
N THR A 128 23.09 6.86 9.39
CA THR A 128 24.11 5.87 9.04
C THR A 128 23.67 5.02 7.85
N GLN A 129 24.64 4.58 7.07
CA GLN A 129 24.46 3.67 5.95
C GLN A 129 25.46 2.54 6.08
N PRO A 130 25.13 1.36 5.57
CA PRO A 130 26.14 0.29 5.55
C PRO A 130 27.30 0.58 4.62
N ARG A 131 27.09 1.34 3.55
CA ARG A 131 28.09 1.51 2.49
C ARG A 131 28.50 2.97 2.37
N ARG A 132 29.80 3.17 2.13
CA ARG A 132 30.37 4.50 1.98
C ARG A 132 29.78 5.24 0.78
N LEU A 133 29.63 4.55 -0.35
CA LEU A 133 29.07 5.19 -1.54
C LEU A 133 27.64 5.68 -1.28
N ALA A 134 26.87 4.89 -0.53
CA ALA A 134 25.49 5.26 -0.27
C ALA A 134 25.40 6.48 0.64
N ALA A 135 26.30 6.60 1.61
CA ALA A 135 26.31 7.77 2.48
C ALA A 135 26.54 9.04 1.67
N ARG A 136 27.54 9.02 0.80
CA ARG A 136 27.84 10.19 -0.03
C ARG A 136 26.71 10.46 -1.04
N THR A 137 26.22 9.41 -1.71
CA THR A 137 25.15 9.56 -2.69
C THR A 137 23.86 10.09 -2.06
N VAL A 138 23.50 9.57 -0.89
CA VAL A 138 22.29 10.07 -0.23
C VAL A 138 22.46 11.52 0.19
N ALA A 139 23.62 11.88 0.76
CA ALA A 139 23.85 13.26 1.14
C ALA A 139 23.73 14.18 -0.08
N ASN A 140 24.35 13.80 -1.19
CA ASN A 140 24.29 14.63 -2.40
C ASN A 140 22.83 14.77 -2.88
N ARG A 141 22.06 13.68 -2.78
CA ARG A 141 20.68 13.70 -3.25
C ARG A 141 19.80 14.60 -2.39
N ILE A 142 19.88 14.45 -1.07
CA ILE A 142 19.06 15.30 -0.21
C ILE A 142 19.44 16.77 -0.41
N ALA A 143 20.74 17.06 -0.50
CA ALA A 143 21.18 18.43 -0.73
C ALA A 143 20.59 18.99 -2.02
N GLU A 144 20.59 18.19 -3.08
CA GLU A 144 20.02 18.64 -4.34
C GLU A 144 18.53 18.87 -4.20
N GLU A 145 17.81 17.95 -3.55
CA GLU A 145 16.37 18.13 -3.37
C GLU A 145 16.07 19.41 -2.59
N LEU A 146 16.92 19.79 -1.65
CA LEU A 146 16.73 21.02 -0.91
C LEU A 146 17.36 22.23 -1.60
N LYS A 147 17.93 22.03 -2.79
CA LYS A 147 18.60 23.09 -3.55
C LYS A 147 19.68 23.75 -2.70
N THR A 148 20.54 22.92 -2.13
CA THR A 148 21.63 23.39 -1.29
C THR A 148 22.90 22.66 -1.71
N GLU A 149 24.01 23.13 -1.20
CA GLU A 149 25.31 22.58 -1.56
C GLU A 149 25.70 21.51 -0.55
N PRO A 150 26.14 20.33 -1.01
CA PRO A 150 26.61 19.30 -0.08
C PRO A 150 27.75 19.83 0.78
N GLY A 151 27.71 19.51 2.07
CA GLY A 151 28.62 20.12 3.03
C GLY A 151 28.03 21.29 3.74
N GLY A 152 26.89 21.79 3.25
CA GLY A 152 26.15 22.84 3.89
C GLY A 152 25.23 22.18 4.90
N CYS A 153 23.94 22.49 4.88
CA CYS A 153 23.06 21.89 5.88
C CYS A 153 23.07 20.36 5.81
N ILE A 154 23.23 19.78 4.60
CA ILE A 154 23.38 18.33 4.43
C ILE A 154 24.84 18.02 4.13
N GLY A 155 25.49 17.24 5.00
CA GLY A 155 26.85 16.82 4.78
C GLY A 155 27.01 15.32 4.95
N TYR A 156 28.25 14.87 4.83
CA TYR A 156 28.54 13.46 5.01
C TYR A 156 29.95 13.26 5.53
N LYS A 157 30.17 12.12 6.18
CA LYS A 157 31.49 11.76 6.70
C LYS A 157 31.73 10.29 6.45
N VAL A 158 32.71 9.97 5.62
CA VAL A 158 33.13 8.60 5.39
C VAL A 158 34.64 8.54 5.51
N ARG A 159 35.18 7.33 5.38
CA ARG A 159 36.63 7.16 5.39
C ARG A 159 37.22 8.02 4.27
N PHE A 160 38.18 8.87 4.65
CA PHE A 160 38.94 9.75 3.77
C PHE A 160 38.15 10.95 3.25
N SER A 161 36.92 11.19 3.71
CA SER A 161 36.15 12.35 3.24
C SER A 161 35.18 12.79 4.32
N ASN A 162 35.40 14.00 4.84
CA ASN A 162 34.60 14.61 5.90
C ASN A 162 34.03 15.92 5.35
N HIS A 163 32.86 15.83 4.72
CA HIS A 163 32.17 16.98 4.10
C HIS A 163 31.13 17.55 5.06
N VAL A 164 31.61 18.16 6.16
CA VAL A 164 30.76 18.71 7.22
C VAL A 164 31.25 20.11 7.59
N SER A 165 30.35 21.09 7.53
CA SER A 165 30.64 22.48 7.90
C SER A 165 30.01 22.83 9.26
N ASP A 166 30.25 24.06 9.72
CA ASP A 166 29.65 24.50 10.96
C ASP A 166 28.12 24.59 10.88
N ASN A 167 27.55 24.61 9.68
CA ASN A 167 26.11 24.70 9.52
C ASN A 167 25.47 23.36 9.21
N THR A 168 26.23 22.28 9.18
CA THR A 168 25.66 20.98 8.81
C THR A 168 24.64 20.57 9.86
N MET A 169 23.45 20.20 9.38
CA MET A 169 22.37 19.72 10.21
C MET A 169 22.15 18.24 10.10
N VAL A 170 22.35 17.69 8.91
CA VAL A 170 22.21 16.26 8.66
C VAL A 170 23.56 15.75 8.22
N LYS A 171 24.06 14.74 8.92
CA LYS A 171 25.37 14.16 8.64
C LYS A 171 25.17 12.71 8.23
N LEU A 172 25.27 12.44 6.94
CA LEU A 172 25.29 11.06 6.49
C LEU A 172 26.65 10.47 6.79
N MET A 173 26.68 9.18 7.12
CA MET A 173 27.95 8.52 7.42
C MET A 173 27.73 7.01 7.33
N THR A 174 28.82 6.27 7.32
CA THR A 174 28.66 4.84 7.48
C THR A 174 28.42 4.52 8.95
N ASP A 175 27.82 3.35 9.22
CA ASP A 175 27.67 2.95 10.60
C ASP A 175 29.02 2.76 11.26
N GLY A 176 30.03 2.35 10.48
CA GLY A 176 31.37 2.23 11.01
C GLY A 176 31.95 3.55 11.48
N ILE A 177 31.67 4.64 10.76
CA ILE A 177 32.14 5.97 11.18
C ILE A 177 31.52 6.35 12.52
N LEU A 178 30.21 6.11 12.66
CA LEU A 178 29.51 6.48 13.90
C LEU A 178 30.03 5.68 15.07
N LEU A 179 30.27 4.37 14.87
CA LEU A 179 30.85 3.54 15.92
C LEU A 179 32.21 4.08 16.36
N ALA A 180 33.06 4.46 15.39
CA ALA A 180 34.39 4.97 15.74
C ALA A 180 34.32 6.30 16.49
N GLU A 181 33.23 7.05 16.36
CA GLU A 181 33.11 8.31 17.08
C GLU A 181 32.82 8.11 18.56
N ILE A 182 32.41 6.90 18.95
CA ILE A 182 32.02 6.67 20.34
C ILE A 182 33.20 6.89 21.30
N GLN A 183 34.46 6.63 20.86
CA GLN A 183 35.58 6.74 21.82
C GLN A 183 35.64 8.15 22.38
N GLN A 184 35.64 9.11 21.48
CA GLN A 184 35.85 10.50 21.85
C GLN A 184 34.58 11.18 22.29
N ASP A 185 33.41 10.59 22.01
CA ASP A 185 32.14 11.19 22.40
C ASP A 185 31.25 10.02 22.83
N ARG A 186 31.27 9.73 24.13
CA ARG A 186 30.66 8.49 24.59
C ARG A 186 29.17 8.64 24.73
N LEU A 187 28.70 9.86 24.97
CA LEU A 187 27.29 10.16 25.04
C LEU A 187 26.71 10.58 23.70
N LEU A 188 27.55 10.59 22.65
CA LEU A 188 27.14 10.99 21.30
C LEU A 188 26.43 12.34 21.32
N MET A 189 27.01 13.27 22.07
CA MET A 189 26.43 14.59 22.30
C MET A 189 26.46 15.47 21.07
N GLN A 190 27.24 15.12 20.04
CA GLN A 190 27.15 15.79 18.76
C GLN A 190 25.77 15.67 18.15
N TYR A 191 24.99 14.65 18.52
CA TYR A 191 23.74 14.33 17.83
C TYR A 191 22.54 14.56 18.74
N ASP A 192 21.50 15.20 18.19
CA ASP A 192 20.21 15.16 18.85
C ASP A 192 19.29 14.09 18.27
N THR A 193 19.68 13.49 17.13
CA THR A 193 18.88 12.49 16.43
C THR A 193 19.81 11.52 15.71
N ILE A 194 19.49 10.23 15.76
CA ILE A 194 20.30 9.25 15.04
C ILE A 194 19.35 8.34 14.26
N ILE A 195 19.55 8.30 12.94
CA ILE A 195 18.81 7.42 12.05
C ILE A 195 19.73 6.28 11.68
N ILE A 196 19.34 5.05 12.05
CA ILE A 196 20.05 3.83 11.65
C ILE A 196 19.35 3.25 10.43
N ASP A 197 19.95 3.39 9.26
CA ASP A 197 19.30 3.01 8.01
C ASP A 197 19.74 1.62 7.55
N GLU A 198 18.90 1.01 6.69
CA GLU A 198 19.15 -0.35 6.19
C GLU A 198 19.28 -1.35 7.33
N ALA A 199 18.56 -1.14 8.43
CA ALA A 199 18.84 -1.86 9.67
C ALA A 199 18.54 -3.35 9.54
N HIS A 200 17.62 -3.71 8.65
CA HIS A 200 17.30 -5.12 8.41
C HIS A 200 18.52 -5.91 7.93
N GLU A 201 19.59 -5.25 7.52
CA GLU A 201 20.79 -5.98 7.13
C GLU A 201 21.45 -6.68 8.31
N ARG A 202 21.22 -6.20 9.53
CA ARG A 202 21.68 -6.89 10.75
C ARG A 202 23.17 -7.26 10.65
N SER A 203 23.98 -6.33 10.16
CA SER A 203 25.42 -6.45 10.23
C SER A 203 25.88 -6.31 11.69
N LEU A 204 27.15 -6.66 11.92
CA LEU A 204 27.74 -6.39 13.24
C LEU A 204 27.67 -4.92 13.60
N ASN A 205 27.96 -4.04 12.64
CA ASN A 205 27.93 -2.61 12.91
C ASN A 205 26.54 -2.16 13.35
N ILE A 206 25.51 -2.62 12.63
CA ILE A 206 24.14 -2.26 12.98
C ILE A 206 23.79 -2.77 14.37
N ASP A 207 24.15 -4.02 14.67
CA ASP A 207 23.83 -4.58 15.98
C ASP A 207 24.65 -3.93 17.09
N PHE A 208 25.89 -3.52 16.82
CA PHE A 208 26.63 -2.76 17.82
C PHE A 208 25.95 -1.43 18.12
N LEU A 209 25.49 -0.74 17.08
CA LEU A 209 24.81 0.54 17.29
C LEU A 209 23.50 0.37 18.05
N LEU A 210 22.71 -0.66 17.70
CA LEU A 210 21.42 -0.84 18.37
C LEU A 210 21.60 -1.19 19.84
N GLY A 211 22.63 -1.99 20.15
CA GLY A 211 22.91 -2.28 21.55
C GLY A 211 23.43 -1.04 22.26
N TYR A 212 24.39 -0.34 21.64
CA TYR A 212 24.94 0.82 22.31
C TYR A 212 23.90 1.92 22.48
N LEU A 213 23.07 2.16 21.46
CA LEU A 213 22.03 3.18 21.59
C LEU A 213 21.04 2.84 22.69
N LYS A 214 20.64 1.57 22.78
CA LYS A 214 19.75 1.13 23.86
C LYS A 214 20.36 1.42 25.23
N GLU A 215 21.65 1.11 25.40
CA GLU A 215 22.37 1.41 26.64
C GLU A 215 22.39 2.91 26.91
N LEU A 216 22.51 3.71 25.86
CA LEU A 216 22.77 5.13 26.00
C LEU A 216 21.51 5.91 26.39
N LEU A 217 20.33 5.44 25.97
CA LEU A 217 19.12 6.26 26.05
C LEU A 217 18.79 6.76 27.44
N PRO A 218 18.92 5.98 28.52
CA PRO A 218 18.65 6.55 29.86
C PRO A 218 19.53 7.75 30.18
N ARG A 219 20.71 7.87 29.57
CA ARG A 219 21.57 9.03 29.79
C ARG A 219 21.37 10.13 28.75
N ARG A 220 20.58 9.89 27.70
CA ARG A 220 20.33 10.88 26.65
C ARG A 220 18.82 11.04 26.42
N PRO A 221 18.09 11.58 27.41
CA PRO A 221 16.64 11.73 27.24
C PRO A 221 16.26 12.76 26.19
N ASP A 222 17.22 13.56 25.73
CA ASP A 222 17.06 14.51 24.64
C ASP A 222 17.30 13.87 23.27
N LEU A 223 17.84 12.67 23.22
CA LEU A 223 18.19 12.00 21.96
C LEU A 223 16.97 11.29 21.38
N LYS A 224 16.81 11.37 20.06
CA LYS A 224 15.77 10.61 19.37
C LYS A 224 16.40 9.63 18.39
N ILE A 225 15.81 8.43 18.32
CA ILE A 225 16.32 7.34 17.50
C ILE A 225 15.26 6.96 16.47
N ILE A 226 15.69 6.78 15.22
CA ILE A 226 14.83 6.27 14.18
C ILE A 226 15.52 5.07 13.55
N ILE A 227 14.90 3.90 13.66
CA ILE A 227 15.40 2.68 13.04
C ILE A 227 14.65 2.50 11.73
N THR A 228 15.38 2.48 10.63
CA THR A 228 14.79 2.44 9.30
C THR A 228 15.10 1.10 8.64
N SER A 229 14.07 0.46 8.09
CA SER A 229 14.22 -0.94 7.70
C SER A 229 13.27 -1.27 6.56
N ALA A 230 13.68 -2.23 5.73
CA ALA A 230 12.72 -2.98 4.95
C ALA A 230 11.77 -3.72 5.89
N THR A 231 10.58 -4.07 5.39
CA THR A 231 9.59 -4.79 6.20
C THR A 231 9.92 -6.28 6.27
N ILE A 232 10.96 -6.55 7.07
CA ILE A 232 11.43 -7.88 7.41
C ILE A 232 11.51 -7.90 8.94
N ASP A 233 10.50 -8.47 9.59
CA ASP A 233 10.48 -8.64 11.03
C ASP A 233 10.83 -7.37 11.82
N PRO A 234 10.20 -6.24 11.53
CA PRO A 234 10.50 -5.03 12.32
C PRO A 234 10.05 -5.14 13.77
N GLU A 235 9.21 -6.12 14.10
CA GLU A 235 8.80 -6.33 15.50
C GLU A 235 9.99 -6.63 16.40
N ARG A 236 11.04 -7.26 15.86
CA ARG A 236 12.22 -7.53 16.68
C ARG A 236 12.90 -6.24 17.11
N PHE A 237 12.97 -5.25 16.21
CA PHE A 237 13.50 -3.94 16.59
C PHE A 237 12.62 -3.27 17.63
N SER A 238 11.30 -3.39 17.47
CA SER A 238 10.36 -2.79 18.42
C SER A 238 10.56 -3.38 19.82
N ARG A 239 10.61 -4.71 19.91
CA ARG A 239 10.82 -5.36 21.20
C ARG A 239 12.13 -4.95 21.82
N HIS A 240 13.19 -4.83 21.01
CA HIS A 240 14.50 -4.43 21.53
C HIS A 240 14.44 -3.08 22.21
N PHE A 241 13.63 -2.17 21.68
CA PHE A 241 13.53 -0.81 22.21
C PHE A 241 12.25 -0.62 23.02
N ASN A 242 11.88 -1.65 23.79
CA ASN A 242 10.75 -1.60 24.71
C ASN A 242 9.44 -1.30 23.97
N ASN A 243 9.17 -2.10 22.95
CA ASN A 243 7.94 -2.02 22.16
C ASN A 243 7.74 -0.62 21.57
N ALA A 244 8.79 -0.10 20.95
CA ALA A 244 8.71 1.15 20.23
C ALA A 244 7.72 1.03 19.07
N PRO A 245 6.99 2.10 18.77
CA PRO A 245 6.00 2.03 17.68
C PRO A 245 6.66 1.79 16.31
N ILE A 246 5.93 1.05 15.47
CA ILE A 246 6.33 0.75 14.11
C ILE A 246 5.42 1.53 13.18
N ILE A 247 6.00 2.43 12.39
CA ILE A 247 5.28 3.18 11.38
C ILE A 247 5.55 2.52 10.04
N GLU A 248 4.50 2.02 9.40
CA GLU A 248 4.64 1.34 8.12
C GLU A 248 4.34 2.34 7.02
N VAL A 249 5.33 2.59 6.15
CA VAL A 249 5.25 3.71 5.22
C VAL A 249 5.18 3.23 3.77
N SER A 250 4.93 1.95 3.52
CA SER A 250 4.70 1.49 2.15
C SER A 250 3.48 2.18 1.54
N GLY A 251 3.51 2.39 0.23
CA GLY A 251 2.31 2.79 -0.46
C GLY A 251 1.42 1.58 -0.74
N ARG A 252 0.64 1.68 -1.80
CA ARG A 252 -0.19 0.56 -2.19
C ARG A 252 0.71 -0.61 -2.54
N THR A 253 0.27 -1.83 -2.23
CA THR A 253 1.01 -3.03 -2.58
C THR A 253 0.46 -3.59 -3.88
N TYR A 254 1.35 -3.87 -4.84
CA TYR A 254 0.94 -4.49 -6.09
C TYR A 254 1.50 -5.90 -6.13
N PRO A 255 0.68 -6.94 -6.05
CA PRO A 255 1.23 -8.30 -6.05
C PRO A 255 2.03 -8.56 -7.31
N VAL A 256 3.08 -9.35 -7.15
CA VAL A 256 4.02 -9.67 -8.22
C VAL A 256 3.80 -11.13 -8.61
N GLU A 257 3.69 -11.40 -9.91
CA GLU A 257 3.64 -12.79 -10.36
C GLU A 257 5.04 -13.43 -10.27
N VAL A 258 5.12 -14.56 -9.56
CA VAL A 258 6.35 -15.34 -9.47
C VAL A 258 6.28 -16.49 -10.47
N ARG A 259 7.34 -16.65 -11.26
CA ARG A 259 7.50 -17.83 -12.10
C ARG A 259 8.74 -18.59 -11.66
N TYR A 260 8.61 -19.90 -11.46
CA TYR A 260 9.75 -20.72 -11.08
C TYR A 260 10.31 -21.36 -12.35
N ARG A 261 11.60 -21.15 -12.59
CA ARG A 261 12.29 -21.64 -13.78
C ARG A 261 13.59 -22.29 -13.33
N PRO A 262 13.51 -23.48 -12.73
CA PRO A 262 14.74 -24.15 -12.28
C PRO A 262 15.70 -24.33 -13.45
N ILE A 263 17.00 -24.23 -13.13
CA ILE A 263 18.01 -24.24 -14.19
C ILE A 263 18.06 -25.63 -14.82
N VAL A 264 17.69 -25.70 -16.10
CA VAL A 264 17.79 -26.93 -16.87
C VAL A 264 19.26 -27.21 -17.15
N GLU A 265 19.71 -28.41 -16.81
CA GLU A 265 21.07 -28.81 -17.13
C GLU A 265 21.14 -29.37 -18.54
N GLU A 266 20.65 -28.55 -19.47
CA GLU A 266 20.58 -28.89 -20.89
C GLU A 266 21.97 -28.86 -21.53
N ALA A 267 22.73 -27.80 -21.27
CA ALA A 267 24.02 -27.61 -21.90
C ALA A 267 25.16 -28.31 -21.17
N ASP A 268 24.88 -28.98 -20.05
CA ASP A 268 25.79 -29.87 -19.33
C ASP A 268 26.86 -29.08 -18.57
N ASP A 269 26.91 -27.76 -18.73
CA ASP A 269 27.84 -26.90 -18.00
C ASP A 269 27.20 -26.50 -16.67
N THR A 270 27.84 -25.59 -15.93
CA THR A 270 27.12 -24.78 -14.96
C THR A 270 27.02 -23.33 -15.41
N GLU A 271 28.14 -22.76 -15.87
CA GLU A 271 28.14 -21.38 -16.35
C GLU A 271 27.19 -21.20 -17.52
N ARG A 272 27.36 -22.00 -18.57
CA ARG A 272 26.44 -21.90 -19.70
C ARG A 272 25.01 -22.28 -19.32
N ASP A 273 24.83 -23.19 -18.36
CA ASP A 273 23.47 -23.48 -17.89
C ASP A 273 22.83 -22.27 -17.21
N GLN A 274 23.57 -21.59 -16.32
CA GLN A 274 23.06 -20.36 -15.73
C GLN A 274 22.81 -19.30 -16.79
N LEU A 275 23.76 -19.13 -17.72
CA LEU A 275 23.60 -18.07 -18.71
C LEU A 275 22.43 -18.36 -19.65
N GLN A 276 22.29 -19.61 -20.10
CA GLN A 276 21.16 -19.91 -20.97
C GLN A 276 19.83 -19.77 -20.22
N ALA A 277 19.82 -20.11 -18.92
CA ALA A 277 18.63 -19.88 -18.11
C ALA A 277 18.28 -18.39 -18.06
N ILE A 278 19.29 -17.53 -17.94
CA ILE A 278 19.04 -16.10 -17.97
C ILE A 278 18.53 -15.69 -19.34
N PHE A 279 19.13 -16.21 -20.40
CA PHE A 279 18.65 -15.91 -21.74
C PHE A 279 17.18 -16.29 -21.89
N ASP A 280 16.82 -17.49 -21.43
CA ASP A 280 15.44 -17.95 -21.55
C ASP A 280 14.48 -17.06 -20.76
N ALA A 281 14.90 -16.64 -19.56
CA ALA A 281 14.06 -15.73 -18.78
C ALA A 281 13.91 -14.40 -19.47
N VAL A 282 14.98 -13.87 -20.07
CA VAL A 282 14.90 -12.61 -20.79
C VAL A 282 13.92 -12.73 -21.95
N ASP A 283 13.95 -13.86 -22.67
CA ASP A 283 13.00 -14.08 -23.77
C ASP A 283 11.57 -14.12 -23.27
N GLU A 284 11.34 -14.86 -22.19
CA GLU A 284 10.01 -14.95 -21.59
C GLU A 284 9.46 -13.57 -21.25
N LEU A 285 10.30 -12.72 -20.65
CA LEU A 285 9.86 -11.41 -20.18
C LEU A 285 9.70 -10.43 -21.33
N SER A 286 10.43 -10.62 -22.42
CA SER A 286 10.33 -9.72 -23.55
C SER A 286 9.08 -9.92 -24.37
N GLN A 287 8.30 -10.95 -24.07
CA GLN A 287 6.97 -11.10 -24.64
C GLN A 287 5.94 -10.24 -23.93
N GLU A 288 6.23 -9.82 -22.70
CA GLU A 288 5.29 -9.07 -21.88
C GLU A 288 5.35 -7.59 -22.23
N SER A 289 4.48 -6.80 -21.57
CA SER A 289 4.34 -5.37 -21.86
C SER A 289 5.63 -4.61 -21.55
N PRO A 290 5.76 -3.37 -22.05
CA PRO A 290 6.97 -2.57 -21.82
C PRO A 290 7.35 -2.46 -20.36
N GLY A 291 8.67 -2.49 -20.10
CA GLY A 291 9.20 -2.46 -18.76
C GLY A 291 10.63 -2.98 -18.64
N ASP A 292 11.42 -2.34 -17.80
CA ASP A 292 12.83 -2.71 -17.68
C ASP A 292 13.00 -3.96 -16.80
N ILE A 293 14.11 -4.67 -17.01
CA ILE A 293 14.41 -5.91 -16.31
C ILE A 293 15.60 -5.69 -15.38
N LEU A 294 15.48 -6.15 -14.14
CA LEU A 294 16.58 -6.13 -13.18
C LEU A 294 17.04 -7.56 -12.94
N ILE A 295 18.32 -7.82 -13.17
CA ILE A 295 18.89 -9.15 -12.97
C ILE A 295 19.83 -9.07 -11.77
N PHE A 296 19.57 -9.87 -10.76
CA PHE A 296 20.43 -9.90 -9.57
C PHE A 296 21.61 -10.85 -9.79
N MET A 297 22.79 -10.42 -9.36
CA MET A 297 24.00 -11.22 -9.50
C MET A 297 24.72 -11.29 -8.17
N SER A 298 25.60 -12.29 -8.04
CA SER A 298 26.32 -12.56 -6.79
C SER A 298 27.60 -11.76 -6.65
N GLY A 299 28.11 -11.17 -7.72
CA GLY A 299 29.36 -10.43 -7.65
C GLY A 299 29.58 -9.68 -8.93
N GLU A 300 30.60 -8.81 -8.91
CA GLU A 300 30.80 -7.91 -10.03
C GLU A 300 31.49 -8.59 -11.20
N ARG A 301 32.31 -9.61 -10.95
CA ARG A 301 32.85 -10.39 -12.05
C ARG A 301 31.74 -11.18 -12.75
N GLU A 302 30.75 -11.66 -12.00
CA GLU A 302 29.60 -12.30 -12.63
C GLU A 302 28.82 -11.29 -13.47
N ILE A 303 28.69 -10.06 -12.98
CA ILE A 303 28.02 -9.01 -13.74
C ILE A 303 28.72 -8.79 -15.07
N ARG A 304 30.05 -8.79 -15.06
CA ARG A 304 30.80 -8.50 -16.28
C ARG A 304 30.60 -9.59 -17.32
N ASP A 305 30.72 -10.86 -16.92
CA ASP A 305 30.49 -11.95 -17.84
C ASP A 305 29.06 -11.94 -18.37
N THR A 306 28.08 -11.69 -17.50
CA THR A 306 26.70 -11.71 -17.95
C THR A 306 26.41 -10.56 -18.93
N ALA A 307 26.91 -9.36 -18.63
CA ALA A 307 26.72 -8.23 -19.53
C ALA A 307 27.38 -8.49 -20.87
N ASP A 308 28.56 -9.09 -20.86
CA ASP A 308 29.21 -9.46 -22.11
C ASP A 308 28.35 -10.45 -22.89
N ALA A 309 27.85 -11.49 -22.22
CA ALA A 309 27.06 -12.50 -22.92
C ALA A 309 25.80 -11.88 -23.52
N LEU A 310 25.11 -11.02 -22.77
CA LEU A 310 23.89 -10.40 -23.29
C LEU A 310 24.18 -9.46 -24.46
N ASN A 311 25.37 -8.85 -24.50
CA ASN A 311 25.73 -7.99 -25.62
C ASN A 311 25.93 -8.79 -26.91
N LYS A 312 26.51 -10.00 -26.80
CA LYS A 312 26.69 -10.86 -27.96
C LYS A 312 25.38 -11.39 -28.53
N LEU A 313 24.26 -11.23 -27.81
CA LEU A 313 22.96 -11.67 -28.30
C LEU A 313 22.33 -10.73 -29.31
N ASN A 314 22.87 -9.51 -29.46
CA ASN A 314 22.36 -8.50 -30.39
C ASN A 314 20.85 -8.32 -30.19
N LEU A 315 20.50 -7.90 -28.98
CA LEU A 315 19.10 -7.70 -28.64
C LEU A 315 18.50 -6.45 -29.28
N ARG A 316 17.25 -6.58 -29.83
CA ARG A 316 16.51 -5.45 -30.40
C ARG A 316 16.11 -4.47 -29.35
N HIS A 317 16.44 -3.21 -29.60
CA HIS A 317 16.00 -2.08 -28.79
C HIS A 317 16.25 -2.31 -27.30
N THR A 318 17.41 -2.87 -27.00
CA THR A 318 17.75 -3.22 -25.64
C THR A 318 19.13 -2.74 -25.24
N GLU A 319 19.18 -2.04 -24.12
CA GLU A 319 20.44 -1.57 -23.57
C GLU A 319 20.78 -2.42 -22.35
N ILE A 320 22.02 -2.88 -22.30
CA ILE A 320 22.53 -3.61 -21.15
C ILE A 320 23.28 -2.62 -20.29
N LEU A 321 22.94 -2.57 -19.00
CA LEU A 321 23.52 -1.59 -18.09
C LEU A 321 24.01 -2.29 -16.82
N PRO A 322 25.31 -2.58 -16.74
CA PRO A 322 25.86 -3.17 -15.51
C PRO A 322 26.09 -2.13 -14.43
N LEU A 323 25.70 -2.47 -13.20
CA LEU A 323 25.90 -1.62 -12.02
C LEU A 323 27.11 -2.10 -11.23
N TYR A 324 28.23 -1.37 -11.32
CA TYR A 324 29.43 -1.63 -10.53
C TYR A 324 29.57 -0.58 -9.44
N ALA A 325 30.25 -0.94 -8.34
CA ALA A 325 30.39 -0.01 -7.22
C ALA A 325 31.13 1.28 -7.62
N ARG A 326 32.22 1.15 -8.37
CA ARG A 326 33.00 2.31 -8.84
C ARG A 326 32.60 2.75 -10.25
N LEU A 327 31.35 3.12 -10.45
CA LEU A 327 30.92 3.59 -11.76
C LEU A 327 31.16 5.09 -11.83
N SER A 328 31.33 5.59 -13.05
CA SER A 328 31.45 7.02 -13.17
C SER A 328 30.20 7.64 -12.58
N ASN A 329 30.36 8.67 -11.75
CA ASN A 329 29.16 9.23 -11.17
C ASN A 329 28.34 10.00 -12.21
N SER A 330 28.80 10.08 -13.47
CA SER A 330 27.95 10.49 -14.58
C SER A 330 27.40 9.27 -15.35
N GLU A 331 27.87 8.06 -15.03
CA GLU A 331 27.22 6.81 -15.44
C GLU A 331 26.30 6.27 -14.35
N GLN A 332 26.65 6.60 -13.12
CA GLN A 332 25.79 6.62 -11.94
C GLN A 332 24.44 7.23 -12.27
N ASN A 333 24.46 8.38 -12.96
CA ASN A 333 23.28 9.19 -13.14
C ASN A 333 22.32 8.54 -14.13
N ARG A 334 22.86 7.65 -14.99
CA ARG A 334 22.12 7.00 -16.07
C ARG A 334 21.06 6.01 -15.63
N VAL A 335 21.22 5.39 -14.46
CA VAL A 335 20.11 4.61 -13.89
C VAL A 335 18.82 5.44 -13.82
N PHE A 336 18.88 6.70 -13.35
CA PHE A 336 17.70 7.55 -13.11
C PHE A 336 17.38 8.42 -14.32
N GLN A 337 18.00 8.08 -15.43
CA GLN A 337 17.95 8.78 -16.70
C GLN A 337 16.97 8.09 -17.64
N SER A 338 16.34 8.86 -18.52
CA SER A 338 15.35 8.27 -19.43
C SER A 338 16.04 7.46 -20.53
N HIS A 339 15.26 6.65 -21.26
CA HIS A 339 15.86 5.80 -22.30
C HIS A 339 14.76 5.35 -23.27
N SER A 340 15.19 4.92 -24.46
CA SER A 340 14.24 4.72 -25.55
C SER A 340 13.56 3.35 -25.48
N GLY A 341 14.34 2.29 -25.47
CA GLY A 341 13.82 0.94 -25.56
C GLY A 341 13.56 0.22 -24.26
N ARG A 342 14.06 -1.02 -24.24
CA ARG A 342 14.10 -1.90 -23.08
C ARG A 342 15.48 -1.72 -22.45
N ARG A 343 15.55 -1.69 -21.13
CA ARG A 343 16.82 -1.67 -20.43
C ARG A 343 16.93 -2.91 -19.54
N ILE A 344 18.11 -3.54 -19.54
CA ILE A 344 18.38 -4.68 -18.67
C ILE A 344 19.47 -4.26 -17.69
N VAL A 345 19.12 -4.17 -16.41
CA VAL A 345 20.04 -3.71 -15.38
C VAL A 345 20.57 -4.92 -14.63
N LEU A 346 21.90 -5.03 -14.53
CA LEU A 346 22.54 -6.12 -13.78
C LEU A 346 23.15 -5.52 -12.52
N ALA A 347 22.85 -6.12 -11.38
CA ALA A 347 23.31 -5.55 -10.12
C ALA A 347 23.46 -6.66 -9.09
N THR A 348 24.32 -6.40 -8.11
CA THR A 348 24.44 -7.25 -6.92
C THR A 348 23.26 -6.98 -5.98
N ASN A 349 23.29 -7.59 -4.80
CA ASN A 349 22.16 -7.33 -3.91
C ASN A 349 22.17 -5.90 -3.29
N VAL A 350 23.11 -5.01 -3.66
CA VAL A 350 22.95 -3.60 -3.32
C VAL A 350 21.61 -3.08 -3.82
N ALA A 351 21.07 -3.69 -4.89
CA ALA A 351 19.78 -3.31 -5.45
C ALA A 351 18.61 -4.04 -4.82
N GLU A 352 18.87 -4.84 -3.79
CA GLU A 352 17.79 -5.57 -3.13
C GLU A 352 16.92 -4.62 -2.32
N THR A 353 17.53 -3.87 -1.38
CA THR A 353 16.77 -2.93 -0.57
C THR A 353 17.34 -1.53 -0.51
N SER A 354 18.64 -1.36 -0.77
CA SER A 354 19.35 -0.12 -0.51
C SER A 354 19.20 0.89 -1.65
N LEU A 355 19.35 0.42 -2.88
CA LEU A 355 19.26 1.23 -4.08
C LEU A 355 17.91 1.00 -4.74
N THR A 356 17.33 2.05 -5.31
CA THR A 356 16.09 1.91 -6.07
C THR A 356 16.37 2.22 -7.54
N VAL A 357 16.35 1.18 -8.37
CA VAL A 357 16.47 1.35 -9.81
C VAL A 357 15.10 1.74 -10.36
N PRO A 358 14.97 2.85 -11.07
CA PRO A 358 13.65 3.25 -11.57
C PRO A 358 13.18 2.38 -12.72
N GLY A 359 11.86 2.38 -12.91
CA GLY A 359 11.27 1.77 -14.08
C GLY A 359 11.34 0.26 -14.19
N ILE A 360 11.67 -0.46 -13.12
CA ILE A 360 11.74 -1.91 -13.18
C ILE A 360 10.33 -2.49 -13.10
N LYS A 361 10.01 -3.35 -14.04
CA LYS A 361 8.80 -4.12 -14.01
C LYS A 361 9.06 -5.60 -13.83
N TYR A 362 10.28 -6.07 -14.10
CA TYR A 362 10.59 -7.48 -14.11
C TYR A 362 11.91 -7.75 -13.40
N VAL A 363 11.97 -8.89 -12.73
CA VAL A 363 13.17 -9.29 -12.02
C VAL A 363 13.53 -10.71 -12.43
N ILE A 364 14.81 -10.94 -12.65
CA ILE A 364 15.35 -12.29 -12.77
C ILE A 364 16.21 -12.55 -11.55
N ASP A 365 15.87 -13.57 -10.78
CA ASP A 365 16.56 -13.84 -9.51
C ASP A 365 17.25 -15.21 -9.51
N PRO A 366 18.57 -15.26 -9.73
CA PRO A 366 19.28 -16.55 -9.57
C PRO A 366 19.26 -17.08 -8.13
N GLY A 367 18.99 -16.25 -7.13
CA GLY A 367 18.77 -16.74 -5.78
C GLY A 367 19.99 -16.91 -4.89
N THR A 368 21.13 -16.30 -5.22
CA THR A 368 22.35 -16.47 -4.45
C THR A 368 22.94 -15.11 -4.08
N ALA A 369 23.84 -15.14 -3.09
CA ALA A 369 24.57 -13.97 -2.66
C ALA A 369 25.76 -14.44 -1.85
N ARG A 370 26.84 -13.65 -1.89
CA ARG A 370 27.93 -13.84 -0.95
C ARG A 370 27.48 -13.46 0.45
N ILE A 371 27.86 -14.27 1.43
CA ILE A 371 27.54 -13.97 2.82
C ILE A 371 28.71 -14.42 3.68
N SER A 372 29.00 -13.65 4.73
CA SER A 372 30.06 -14.00 5.65
C SER A 372 29.55 -15.08 6.58
N ARG A 373 30.25 -16.20 6.65
CA ARG A 373 29.84 -17.31 7.51
C ARG A 373 31.07 -18.03 8.03
N TYR A 374 31.15 -18.14 9.35
CA TYR A 374 32.21 -18.91 10.00
C TYR A 374 32.02 -20.39 9.77
N SER A 375 33.10 -21.07 9.41
CA SER A 375 33.09 -22.50 9.19
C SER A 375 33.74 -23.22 10.38
N TYR A 376 33.01 -24.14 11.02
CA TYR A 376 33.62 -24.87 12.12
C TYR A 376 34.61 -25.89 11.59
N ARG A 377 34.26 -26.56 10.49
CA ARG A 377 35.32 -27.16 9.70
C ARG A 377 36.08 -26.01 9.03
N THR A 378 37.39 -26.18 8.90
CA THR A 378 38.35 -25.23 8.35
C THR A 378 38.63 -24.07 9.30
N LYS A 379 37.90 -24.00 10.40
CA LYS A 379 38.08 -22.96 11.43
C LYS A 379 38.37 -21.58 10.84
N VAL A 380 37.57 -21.17 9.85
CA VAL A 380 37.83 -19.93 9.11
C VAL A 380 36.53 -19.16 8.88
N GLN A 381 36.58 -17.83 9.03
CA GLN A 381 35.50 -16.96 8.57
C GLN A 381 35.52 -16.89 7.06
N ARG A 382 34.52 -17.48 6.42
CA ARG A 382 34.50 -17.60 4.96
C ARG A 382 33.50 -16.64 4.35
N LEU A 383 33.52 -16.55 3.03
CA LEU A 383 32.57 -15.73 2.27
C LEU A 383 31.93 -16.55 1.16
N PRO A 384 31.25 -17.64 1.49
CA PRO A 384 30.63 -18.47 0.44
C PRO A 384 29.51 -17.75 -0.29
N ILE A 385 29.31 -18.18 -1.54
CA ILE A 385 28.08 -17.87 -2.28
C ILE A 385 27.07 -18.97 -1.94
N GLU A 386 25.94 -18.60 -1.36
CA GLU A 386 24.96 -19.58 -0.94
C GLU A 386 23.56 -19.12 -1.31
N PRO A 387 22.57 -20.01 -1.28
CA PRO A 387 21.18 -19.59 -1.51
C PRO A 387 20.71 -18.55 -0.48
N ILE A 388 20.02 -17.52 -0.97
CA ILE A 388 19.50 -16.46 -0.10
C ILE A 388 18.25 -16.94 0.64
N SER A 389 17.94 -16.26 1.74
CA SER A 389 16.75 -16.55 2.54
C SER A 389 15.45 -16.27 1.76
N GLN A 390 14.36 -16.82 2.27
CA GLN A 390 13.06 -16.47 1.71
C GLN A 390 12.82 -14.96 1.80
N ALA A 391 13.21 -14.33 2.92
CA ALA A 391 13.01 -12.90 3.07
C ALA A 391 13.77 -12.11 2.01
N SER A 392 15.03 -12.48 1.72
CA SER A 392 15.81 -11.79 0.71
C SER A 392 15.24 -12.02 -0.69
N ALA A 393 14.84 -13.26 -0.99
CA ALA A 393 14.24 -13.52 -2.29
C ALA A 393 12.95 -12.70 -2.46
N ASN A 394 12.19 -12.50 -1.38
CA ASN A 394 10.98 -11.68 -1.48
C ASN A 394 11.31 -10.20 -1.62
N GLN A 395 12.43 -9.75 -1.06
CA GLN A 395 12.83 -8.37 -1.30
C GLN A 395 13.22 -8.18 -2.76
N ARG A 396 13.98 -9.13 -3.34
CA ARG A 396 14.31 -9.04 -4.75
C ARG A 396 13.07 -9.02 -5.61
N LYS A 397 12.11 -9.90 -5.32
CA LYS A 397 10.82 -9.91 -6.01
C LYS A 397 10.13 -8.55 -5.92
N GLY A 398 10.14 -7.94 -4.73
CA GLY A 398 9.44 -6.68 -4.54
C GLY A 398 9.98 -5.54 -5.38
N ARG A 399 11.19 -5.68 -5.92
CA ARG A 399 11.71 -4.57 -6.72
C ARG A 399 10.98 -4.38 -8.04
N CYS A 400 10.11 -5.31 -8.46
CA CYS A 400 9.24 -5.07 -9.62
C CYS A 400 7.81 -4.77 -9.22
N GLY A 401 7.57 -4.49 -7.95
CA GLY A 401 6.24 -4.31 -7.40
C GLY A 401 5.87 -2.84 -7.36
N ARG A 402 6.40 -1.94 -8.23
CA ARG A 402 5.94 -0.54 -8.07
C ARG A 402 4.63 -0.27 -8.70
N VAL A 403 4.31 -1.00 -9.73
CA VAL A 403 3.07 -0.88 -10.40
C VAL A 403 2.53 -2.28 -10.52
N SER A 404 1.33 -2.35 -11.03
CA SER A 404 0.69 -3.62 -11.24
C SER A 404 1.42 -4.43 -12.32
N GLU A 405 1.18 -5.73 -12.28
CA GLU A 405 1.61 -6.67 -13.31
C GLU A 405 3.13 -6.83 -13.38
N GLY A 406 3.80 -6.70 -12.24
CA GLY A 406 5.20 -7.07 -12.18
C GLY A 406 5.37 -8.57 -12.21
N ILE A 407 6.52 -9.02 -12.70
CA ILE A 407 6.81 -10.45 -12.84
C ILE A 407 8.22 -10.69 -12.33
N CYS A 408 8.37 -11.63 -11.41
CA CYS A 408 9.67 -12.03 -10.90
C CYS A 408 9.92 -13.48 -11.28
N ILE A 409 10.96 -13.72 -12.06
CA ILE A 409 11.34 -15.07 -12.47
C ILE A 409 12.48 -15.54 -11.57
N ARG A 410 12.24 -16.61 -10.82
CA ARG A 410 13.25 -17.23 -9.96
C ARG A 410 13.87 -18.40 -10.70
N LEU A 411 15.20 -18.40 -10.79
CA LEU A 411 15.87 -19.49 -11.51
C LEU A 411 16.07 -20.68 -10.57
N TYR A 412 14.98 -21.12 -9.96
CA TYR A 412 14.98 -22.28 -9.08
C TYR A 412 13.52 -22.66 -8.89
N SER A 413 13.29 -23.78 -8.23
CA SER A 413 11.94 -24.32 -8.07
C SER A 413 11.27 -23.76 -6.82
N GLU A 414 9.94 -23.81 -6.81
CA GLU A 414 9.21 -23.44 -5.60
C GLU A 414 9.64 -24.28 -4.39
N ASP A 415 9.84 -25.58 -4.57
CA ASP A 415 10.38 -26.43 -3.51
C ASP A 415 11.71 -25.89 -3.00
N ASP A 416 12.60 -25.53 -3.93
CA ASP A 416 13.85 -24.89 -3.56
C ASP A 416 13.59 -23.63 -2.72
N PHE A 417 12.68 -22.75 -3.17
CA PHE A 417 12.38 -21.54 -2.42
C PHE A 417 11.88 -21.88 -1.01
N LEU A 418 10.98 -22.86 -0.90
CA LEU A 418 10.42 -23.16 0.41
C LEU A 418 11.41 -23.85 1.34
N SER A 419 12.44 -24.49 0.78
CA SER A 419 13.43 -25.14 1.63
C SER A 419 14.33 -24.13 2.33
N ARG A 420 14.48 -22.95 1.74
CA ARG A 420 15.35 -21.95 2.32
C ARG A 420 14.79 -21.46 3.66
N PRO A 421 15.67 -21.02 4.57
CA PRO A 421 15.18 -20.43 5.83
C PRO A 421 14.31 -19.21 5.57
N GLU A 422 13.44 -18.93 6.52
CA GLU A 422 12.54 -17.79 6.39
C GLU A 422 13.33 -16.48 6.41
N PHE A 423 14.35 -16.38 7.25
CA PHE A 423 15.12 -15.15 7.38
C PHE A 423 16.62 -15.44 7.23
N THR A 424 17.36 -14.40 6.86
CA THR A 424 18.81 -14.48 6.87
C THR A 424 19.30 -14.45 8.31
N ASP A 425 20.29 -15.29 8.62
CA ASP A 425 20.94 -15.18 9.91
C ASP A 425 21.58 -13.80 10.06
N PRO A 426 21.35 -13.11 11.16
CA PRO A 426 22.10 -11.87 11.41
C PRO A 426 23.59 -12.18 11.57
N GLU A 427 24.43 -11.21 11.19
CA GLU A 427 25.87 -11.45 11.15
C GLU A 427 26.41 -11.89 12.51
N ILE A 428 25.87 -11.35 13.60
CA ILE A 428 26.32 -11.70 14.94
C ILE A 428 26.25 -13.20 15.20
N LEU A 429 25.38 -13.92 14.49
CA LEU A 429 25.18 -15.34 14.72
C LEU A 429 25.98 -16.22 13.78
N ARG A 430 26.73 -15.65 12.85
CA ARG A 430 27.52 -16.44 11.90
C ARG A 430 28.97 -15.94 11.82
N THR A 431 29.43 -15.23 12.85
CA THR A 431 30.79 -14.70 12.90
C THR A 431 31.56 -15.31 14.06
N ASN A 432 32.81 -15.69 13.81
CA ASN A 432 33.63 -16.19 14.90
C ASN A 432 33.74 -15.14 15.99
N LEU A 433 33.70 -15.59 17.24
CA LEU A 433 33.62 -14.65 18.34
C LEU A 433 34.94 -13.95 18.61
N ALA A 434 36.06 -14.50 18.10
CA ALA A 434 37.31 -13.74 18.15
C ALA A 434 37.19 -12.43 17.38
N SER A 435 36.56 -12.47 16.20
CA SER A 435 36.35 -11.24 15.44
C SER A 435 35.43 -10.29 16.19
N VAL A 436 34.32 -10.81 16.73
CA VAL A 436 33.35 -9.96 17.44
C VAL A 436 34.01 -9.29 18.63
N ILE A 437 34.72 -10.07 19.44
CA ILE A 437 35.36 -9.50 20.63
C ILE A 437 36.44 -8.51 20.21
N LEU A 438 37.21 -8.84 19.18
CA LEU A 438 38.26 -7.93 18.70
C LEU A 438 37.68 -6.58 18.33
N GLN A 439 36.53 -6.60 17.63
CA GLN A 439 35.99 -5.38 17.08
C GLN A 439 35.36 -4.57 18.20
N MET A 440 34.72 -5.27 19.15
CA MET A 440 34.17 -4.62 20.34
C MET A 440 35.24 -3.97 21.21
N THR A 441 36.36 -4.66 21.43
CA THR A 441 37.42 -4.02 22.21
C THR A 441 38.04 -2.86 21.45
N ALA A 442 38.16 -2.97 20.12
CA ALA A 442 38.71 -1.84 19.36
C ALA A 442 37.81 -0.62 19.50
N LEU A 443 36.50 -0.84 19.61
CA LEU A 443 35.51 0.23 19.71
C LEU A 443 35.23 0.65 21.14
N GLY A 444 35.72 -0.08 22.14
CA GLY A 444 35.43 0.23 23.53
C GLY A 444 34.00 -0.03 23.94
N LEU A 445 33.37 -1.06 23.39
CA LEU A 445 31.98 -1.34 23.72
C LEU A 445 31.83 -2.19 24.98
N GLY A 446 32.93 -2.60 25.59
CA GLY A 446 32.84 -3.34 26.83
C GLY A 446 32.69 -4.83 26.62
N ASP A 447 32.29 -5.51 27.69
CA ASP A 447 32.31 -6.96 27.73
C ASP A 447 31.15 -7.55 26.93
N ILE A 448 31.46 -8.56 26.11
CA ILE A 448 30.47 -9.13 25.22
C ILE A 448 29.35 -9.81 25.98
N ALA A 449 29.57 -10.21 27.22
CA ALA A 449 28.53 -10.85 28.01
C ALA A 449 27.58 -9.84 28.63
N ALA A 450 27.99 -8.57 28.74
CA ALA A 450 27.14 -7.51 29.27
C ALA A 450 26.47 -6.69 28.17
N PHE A 451 26.77 -6.95 26.90
CA PHE A 451 26.28 -6.08 25.83
C PHE A 451 24.84 -6.43 25.47
N PRO A 452 23.97 -5.44 25.34
CA PRO A 452 22.55 -5.71 25.00
C PRO A 452 22.33 -5.95 23.52
N PHE A 453 22.80 -7.10 23.04
CA PHE A 453 22.54 -7.50 21.65
C PHE A 453 21.06 -7.67 21.39
N VAL A 454 20.61 -7.27 20.21
CA VAL A 454 19.30 -7.70 19.71
C VAL A 454 19.22 -9.23 19.71
N GLU A 455 20.29 -9.87 19.26
CA GLU A 455 20.42 -11.33 19.31
C GLU A 455 21.84 -11.64 19.77
N ALA A 456 21.97 -12.24 20.94
CA ALA A 456 23.28 -12.50 21.53
C ALA A 456 23.94 -13.68 20.82
N PRO A 457 25.27 -13.64 20.67
CA PRO A 457 25.96 -14.81 20.11
C PRO A 457 26.01 -15.95 21.11
N ASP A 458 26.38 -17.13 20.61
CA ASP A 458 26.47 -18.31 21.46
C ASP A 458 27.61 -18.11 22.45
N LYS A 459 27.28 -17.93 23.74
CA LYS A 459 28.30 -17.65 24.75
C LYS A 459 29.28 -18.81 24.95
N ARG A 460 28.98 -20.00 24.43
CA ARG A 460 29.92 -21.11 24.56
C ARG A 460 31.19 -20.90 23.73
N ASN A 461 31.19 -19.95 22.78
CA ASN A 461 32.34 -19.68 21.95
C ASN A 461 33.21 -18.55 22.48
N ILE A 462 32.82 -17.91 23.59
CA ILE A 462 33.46 -16.67 24.01
C ILE A 462 34.91 -16.90 24.43
N GLN A 463 35.14 -17.83 25.36
CA GLN A 463 36.48 -17.95 25.94
C GLN A 463 37.49 -18.44 24.92
N ASP A 464 37.07 -19.20 23.91
CA ASP A 464 37.98 -19.56 22.84
C ASP A 464 38.34 -18.34 21.98
N GLY A 465 37.39 -17.43 21.78
CA GLY A 465 37.71 -16.19 21.08
C GLY A 465 38.74 -15.36 21.82
N VAL A 466 38.54 -15.19 23.13
CA VAL A 466 39.52 -14.49 23.96
C VAL A 466 40.86 -15.21 23.90
N ARG A 467 40.82 -16.53 24.01
CA ARG A 467 41.99 -17.39 23.83
C ARG A 467 42.75 -17.05 22.56
N LEU A 468 42.07 -17.10 21.42
CA LEU A 468 42.70 -16.87 20.13
C LEU A 468 43.40 -15.51 20.08
N LEU A 469 42.69 -14.45 20.49
CA LEU A 469 43.24 -13.10 20.39
C LEU A 469 44.46 -12.94 21.29
N GLU A 470 44.47 -13.61 22.45
CA GLU A 470 45.67 -13.62 23.29
C GLU A 470 46.85 -14.27 22.56
N GLU A 471 46.63 -15.48 22.00
CA GLU A 471 47.69 -16.16 21.27
C GLU A 471 48.23 -15.33 20.12
N LEU A 472 47.39 -14.52 19.47
CA LEU A 472 47.89 -13.67 18.39
C LEU A 472 48.50 -12.37 18.88
N GLY A 473 48.38 -12.06 20.18
CA GLY A 473 48.93 -10.83 20.68
C GLY A 473 48.05 -9.61 20.45
N ALA A 474 46.73 -9.81 20.35
CA ALA A 474 45.83 -8.71 20.01
C ALA A 474 45.30 -7.98 21.24
N ILE A 475 45.22 -8.65 22.39
CA ILE A 475 44.62 -8.10 23.60
C ILE A 475 45.53 -8.39 24.79
N THR A 476 45.21 -7.75 25.92
CA THR A 476 45.82 -8.08 27.21
C THR A 476 44.74 -8.13 28.30
N LEU A 486 43.71 -3.83 24.42
CA LEU A 486 44.11 -3.90 23.02
C LEU A 486 45.57 -3.47 22.81
N THR A 487 46.28 -4.12 21.89
CA THR A 487 47.67 -3.86 21.55
C THR A 487 47.72 -2.98 20.32
N PRO A 488 48.88 -2.40 20.01
CA PRO A 488 49.02 -1.84 18.65
C PRO A 488 48.79 -2.88 17.55
N LEU A 489 49.24 -4.14 17.75
CA LEU A 489 48.99 -5.18 16.75
C LEU A 489 47.51 -5.51 16.64
N GLY A 490 46.83 -5.60 17.78
CA GLY A 490 45.40 -5.85 17.77
C GLY A 490 44.61 -4.80 17.02
N ARG A 491 45.01 -3.53 17.15
CA ARG A 491 44.30 -2.49 16.41
C ARG A 491 44.49 -2.66 14.89
N GLN A 492 45.70 -3.03 14.45
CA GLN A 492 45.88 -3.28 13.02
C GLN A 492 45.10 -4.53 12.59
N LEU A 493 44.97 -5.51 13.47
CA LEU A 493 44.15 -6.67 13.14
C LEU A 493 42.68 -6.28 12.97
N SER A 494 42.16 -5.37 13.81
CA SER A 494 40.74 -4.99 13.69
C SER A 494 40.41 -4.41 12.35
N GLN A 495 41.40 -3.90 11.67
CA GLN A 495 41.15 -3.14 10.47
C GLN A 495 41.04 -4.03 9.25
N LEU A 496 41.33 -5.32 9.41
CA LEU A 496 41.30 -6.24 8.29
C LEU A 496 40.01 -7.06 8.35
N PRO A 497 39.18 -7.01 7.35
CA PRO A 497 37.89 -7.69 7.35
C PRO A 497 38.03 -9.15 6.94
N VAL A 498 38.98 -9.85 7.57
CA VAL A 498 39.19 -11.27 7.34
C VAL A 498 39.25 -11.96 8.69
N ASP A 499 39.25 -13.29 8.65
CA ASP A 499 39.46 -14.07 9.86
C ASP A 499 40.67 -13.52 10.61
N PRO A 500 40.59 -13.38 11.94
CA PRO A 500 41.69 -12.71 12.65
C PRO A 500 43.04 -13.40 12.47
N ARG A 501 43.07 -14.73 12.42
CA ARG A 501 44.35 -15.42 12.20
C ARG A 501 44.88 -15.23 10.80
N LEU A 502 43.99 -15.17 9.82
CA LEU A 502 44.46 -14.87 8.48
C LEU A 502 44.95 -13.44 8.41
N ALA A 503 44.30 -12.54 9.15
CA ALA A 503 44.77 -11.17 9.22
C ALA A 503 46.17 -11.11 9.83
N ARG A 504 46.41 -11.94 10.85
CA ARG A 504 47.74 -12.05 11.43
C ARG A 504 48.78 -12.39 10.36
N MET A 505 48.41 -13.30 9.44
CA MET A 505 49.33 -13.66 8.36
C MET A 505 49.53 -12.50 7.39
N VAL A 506 48.47 -11.73 7.11
CA VAL A 506 48.62 -10.60 6.19
C VAL A 506 49.61 -9.59 6.75
N LEU A 507 49.48 -9.26 8.04
CA LEU A 507 50.39 -8.30 8.64
C LEU A 507 51.81 -8.83 8.71
N GLU A 508 51.96 -10.13 9.05
CA GLU A 508 53.29 -10.73 9.07
C GLU A 508 53.88 -10.81 7.67
N ALA A 509 53.03 -10.94 6.65
CA ALA A 509 53.53 -10.94 5.27
C ALA A 509 54.07 -9.58 4.86
N GLN A 510 53.58 -8.51 5.49
CA GLN A 510 54.04 -7.17 5.18
C GLN A 510 55.51 -6.99 5.52
N LYS A 511 56.00 -7.71 6.54
CA LYS A 511 57.41 -7.68 6.88
C LYS A 511 58.31 -8.25 5.79
N HIS A 512 57.75 -9.01 4.84
CA HIS A 512 58.58 -9.74 3.88
C HIS A 512 58.18 -9.48 2.43
N GLY A 513 57.37 -8.46 2.18
CA GLY A 513 57.02 -8.10 0.82
C GLY A 513 56.21 -9.14 0.06
N CYS A 514 55.34 -9.88 0.74
CA CYS A 514 54.51 -10.90 0.10
C CYS A 514 53.06 -10.82 0.57
N VAL A 515 52.56 -9.60 0.75
CA VAL A 515 51.15 -9.44 1.07
C VAL A 515 50.29 -9.91 -0.10
N ARG A 516 50.82 -9.81 -1.34
CA ARG A 516 50.14 -10.36 -2.50
C ARG A 516 49.85 -11.84 -2.32
N GLU A 517 50.86 -12.62 -1.91
CA GLU A 517 50.66 -14.05 -1.71
C GLU A 517 49.79 -14.32 -0.49
N ALA A 518 49.92 -13.50 0.56
CA ALA A 518 49.05 -13.65 1.72
C ALA A 518 47.59 -13.45 1.32
N MET A 519 47.34 -12.56 0.37
CA MET A 519 45.98 -12.31 -0.08
C MET A 519 45.49 -13.40 -1.03
N ILE A 520 46.39 -14.02 -1.77
CA ILE A 520 46.05 -15.20 -2.56
C ILE A 520 45.55 -16.32 -1.66
N ILE A 521 46.30 -16.58 -0.57
CA ILE A 521 45.93 -17.62 0.38
C ILE A 521 44.61 -17.28 1.04
N THR A 522 44.51 -16.06 1.60
CA THR A 522 43.31 -15.66 2.34
C THR A 522 42.05 -15.80 1.50
N SER A 523 42.08 -15.28 0.27
CA SER A 523 40.91 -15.38 -0.60
C SER A 523 40.61 -16.82 -0.99
N ALA A 524 41.65 -17.62 -1.22
CA ALA A 524 41.41 -19.04 -1.53
C ALA A 524 40.75 -19.75 -0.35
N LEU A 525 41.14 -19.41 0.88
CA LEU A 525 40.58 -20.08 2.05
C LEU A 525 39.24 -19.51 2.47
N SER A 526 38.81 -18.38 1.91
CA SER A 526 37.50 -17.80 2.20
C SER A 526 36.45 -18.20 1.19
N ILE A 527 36.82 -19.03 0.23
CA ILE A 527 35.91 -19.56 -0.76
C ILE A 527 36.11 -21.07 -0.76
N GLN A 528 35.36 -21.77 -1.59
CA GLN A 528 35.63 -23.19 -1.73
C GLN A 528 36.60 -23.39 -2.88
N ASP A 529 37.50 -24.38 -2.74
CA ASP A 529 38.67 -24.58 -3.60
C ASP A 529 38.28 -24.65 -5.08
N PRO A 530 38.98 -23.93 -5.98
CA PRO A 530 38.68 -24.07 -7.42
C PRO A 530 38.95 -25.45 -8.00
N ARG A 531 39.67 -26.32 -7.29
CA ARG A 531 39.94 -27.66 -7.75
C ARG A 531 38.89 -28.63 -7.21
N GLU A 552 51.67 -27.00 5.46
CA GLU A 552 51.68 -25.62 5.02
C GLU A 552 51.84 -25.52 3.50
N SER A 553 52.58 -26.47 2.92
CA SER A 553 52.89 -26.41 1.49
C SER A 553 51.67 -26.61 0.60
N ASP A 554 50.50 -26.91 1.16
CA ASP A 554 49.30 -26.92 0.33
C ASP A 554 48.93 -25.50 -0.07
N PHE A 555 49.22 -24.52 0.81
CA PHE A 555 48.96 -23.12 0.51
C PHE A 555 49.86 -22.59 -0.59
N LEU A 556 50.99 -23.25 -0.85
CA LEU A 556 51.86 -22.86 -1.95
C LEU A 556 51.45 -23.50 -3.26
N ALA A 557 50.58 -24.50 -3.21
CA ALA A 557 49.81 -24.85 -4.40
C ALA A 557 48.86 -23.73 -4.81
N PHE A 558 48.26 -23.05 -3.83
CA PHE A 558 47.39 -21.91 -4.14
C PHE A 558 48.16 -20.83 -4.90
N VAL A 559 49.37 -20.51 -4.44
CA VAL A 559 50.15 -19.44 -5.08
C VAL A 559 50.54 -19.83 -6.50
N ASN A 560 51.00 -21.05 -6.69
CA ASN A 560 51.47 -21.46 -8.01
C ASN A 560 50.33 -21.55 -9.00
N LEU A 561 49.19 -22.09 -8.59
CA LEU A 561 48.03 -22.08 -9.48
C LEU A 561 47.61 -20.65 -9.82
N TRP A 562 47.67 -19.75 -8.84
CA TRP A 562 47.27 -18.36 -9.10
C TRP A 562 48.21 -17.69 -10.10
N ASN A 563 49.52 -17.89 -9.92
CA ASN A 563 50.49 -17.29 -10.83
C ASN A 563 50.29 -17.80 -12.26
N TYR A 564 50.05 -19.10 -12.42
CA TYR A 564 49.80 -19.64 -13.75
C TYR A 564 48.54 -19.06 -14.36
N LEU A 565 47.46 -18.97 -13.57
CA LEU A 565 46.21 -18.41 -14.09
C LEU A 565 46.31 -16.92 -14.34
N GLY A 566 47.18 -16.22 -13.61
CA GLY A 566 47.47 -14.84 -13.97
C GLY A 566 48.20 -14.72 -15.28
N GLU A 567 49.29 -15.49 -15.44
CA GLU A 567 50.07 -15.44 -16.67
C GLU A 567 49.19 -15.71 -17.89
N GLN A 568 48.44 -16.82 -17.86
CA GLN A 568 47.65 -17.20 -19.04
C GLN A 568 46.61 -16.15 -19.37
N GLN A 569 45.94 -15.59 -18.36
CA GLN A 569 44.95 -14.56 -18.65
C GLN A 569 45.57 -13.15 -18.75
N LYS A 570 46.59 -12.96 -19.60
CA LYS A 570 46.74 -11.75 -20.38
C LYS A 570 46.96 -12.07 -21.86
N ALA A 571 47.66 -13.18 -22.14
CA ALA A 571 47.93 -13.59 -23.51
C ALA A 571 46.68 -14.03 -24.24
N LEU A 572 45.82 -14.81 -23.61
CA LEU A 572 44.75 -15.44 -24.37
C LEU A 572 43.66 -14.41 -24.67
N SER A 573 42.95 -14.62 -25.77
CA SER A 573 42.00 -13.64 -26.27
C SER A 573 40.90 -13.34 -25.24
N SER A 574 40.21 -12.22 -25.47
CA SER A 574 39.04 -11.86 -24.69
C SER A 574 38.02 -12.98 -24.85
N ASN A 575 37.59 -13.59 -23.74
CA ASN A 575 36.54 -14.64 -23.69
C ASN A 575 37.00 -15.97 -24.33
N ALA A 576 38.30 -16.32 -24.19
CA ALA A 576 38.82 -17.64 -24.61
C ALA A 576 39.74 -18.30 -23.60
N PHE A 577 40.00 -17.68 -22.44
CA PHE A 577 40.67 -18.36 -21.34
C PHE A 577 39.72 -19.27 -20.57
N ARG A 578 38.42 -19.12 -20.84
CA ARG A 578 37.42 -20.05 -20.34
C ARG A 578 37.77 -21.49 -20.70
N ARG A 579 37.98 -21.77 -21.98
CA ARG A 579 38.39 -23.12 -22.40
C ARG A 579 39.66 -23.58 -21.67
N LEU A 580 40.59 -22.66 -21.37
CA LEU A 580 41.85 -23.05 -20.74
C LEU A 580 41.63 -23.73 -19.39
N CYS A 581 40.49 -23.49 -18.76
CA CYS A 581 40.33 -23.97 -17.40
C CYS A 581 39.87 -25.42 -17.32
N ARG A 582 39.28 -25.96 -18.39
CA ARG A 582 39.10 -27.41 -18.43
C ARG A 582 40.42 -28.16 -18.58
N THR A 583 41.45 -27.53 -19.17
CA THR A 583 42.74 -28.22 -19.33
C THR A 583 43.11 -28.93 -18.04
N ASP A 584 42.97 -28.22 -16.94
CA ASP A 584 43.29 -28.77 -15.64
C ASP A 584 41.94 -28.89 -14.90
N TYR A 585 41.98 -29.18 -13.58
CA TYR A 585 40.77 -29.46 -12.81
C TYR A 585 40.04 -28.19 -12.41
N LEU A 586 40.36 -27.09 -13.10
CA LEU A 586 39.83 -25.77 -12.84
C LEU A 586 38.45 -25.59 -13.44
N ASN A 587 37.49 -25.25 -12.59
CA ASN A 587 36.19 -24.72 -13.01
C ASN A 587 36.32 -23.20 -13.12
N TYR A 588 36.05 -22.66 -14.32
CA TYR A 588 36.15 -21.21 -14.54
C TYR A 588 35.42 -20.42 -13.46
N LEU A 589 34.23 -20.87 -13.05
CA LEU A 589 33.42 -20.12 -12.10
C LEU A 589 34.05 -20.04 -10.72
N ARG A 590 34.84 -21.05 -10.33
CA ARG A 590 35.54 -20.94 -9.05
C ARG A 590 36.73 -20.00 -9.17
N VAL A 591 37.46 -20.07 -10.28
CA VAL A 591 38.58 -19.17 -10.48
C VAL A 591 38.10 -17.72 -10.47
N ARG A 592 37.01 -17.44 -11.18
CA ARG A 592 36.44 -16.11 -11.23
C ARG A 592 36.04 -15.62 -9.85
N GLU A 593 35.54 -16.52 -8.99
CA GLU A 593 35.18 -16.13 -7.63
C GLU A 593 36.43 -15.85 -6.81
N TRP A 594 37.43 -16.73 -6.94
CA TRP A 594 38.74 -16.47 -6.35
C TRP A 594 39.27 -15.09 -6.75
N GLN A 595 39.18 -14.75 -8.03
CA GLN A 595 39.73 -13.46 -8.45
C GLN A 595 38.92 -12.31 -7.89
N ASP A 596 37.58 -12.46 -7.86
CA ASP A 596 36.74 -11.41 -7.33
C ASP A 596 37.06 -11.16 -5.85
N ILE A 597 37.15 -12.22 -5.06
CA ILE A 597 37.42 -12.05 -3.64
C ILE A 597 38.80 -11.42 -3.43
N TYR A 598 39.81 -11.89 -4.19
CA TYR A 598 41.14 -11.29 -4.07
C TYR A 598 41.08 -9.80 -4.41
N THR A 599 40.45 -9.45 -5.53
CA THR A 599 40.34 -8.06 -5.95
C THR A 599 39.71 -7.19 -4.86
N GLN A 600 38.62 -7.67 -4.26
CA GLN A 600 37.98 -6.88 -3.20
C GLN A 600 38.89 -6.79 -1.97
N LEU A 601 39.57 -7.88 -1.62
CA LEU A 601 40.53 -7.85 -0.52
C LEU A 601 41.67 -6.88 -0.80
N ARG A 602 42.19 -6.88 -2.03
CA ARG A 602 43.29 -5.98 -2.35
C ARG A 602 42.87 -4.52 -2.21
N GLN A 603 41.62 -4.21 -2.57
CA GLN A 603 41.13 -2.85 -2.38
C GLN A 603 41.15 -2.44 -0.91
N VAL A 604 40.69 -3.33 -0.02
CA VAL A 604 40.66 -3.01 1.41
C VAL A 604 42.08 -2.85 1.94
N VAL A 605 42.97 -3.76 1.58
CA VAL A 605 44.37 -3.67 2.00
C VAL A 605 44.98 -2.35 1.55
N LYS A 606 44.70 -1.94 0.31
CA LYS A 606 45.25 -0.70 -0.22
C LYS A 606 44.76 0.50 0.59
N GLU A 607 43.46 0.57 0.88
CA GLU A 607 42.90 1.67 1.66
C GLU A 607 43.49 1.74 3.07
N LEU A 608 43.96 0.62 3.62
CA LEU A 608 44.66 0.64 4.90
C LEU A 608 46.11 1.07 4.76
N GLY A 609 46.58 1.39 3.56
CA GLY A 609 47.98 1.76 3.39
C GLY A 609 48.98 0.62 3.46
N ILE A 610 48.54 -0.63 3.38
CA ILE A 610 49.46 -1.77 3.39
C ILE A 610 50.04 -1.96 1.99
N PRO A 611 51.37 -1.98 1.83
CA PRO A 611 51.94 -2.11 0.48
C PRO A 611 51.77 -3.52 -0.04
N VAL A 612 51.54 -3.62 -1.35
CA VAL A 612 51.34 -4.90 -2.00
C VAL A 612 52.36 -5.00 -3.13
N ASN A 613 53.14 -6.08 -3.11
CA ASN A 613 54.13 -6.30 -4.16
C ASN A 613 53.44 -6.55 -5.49
N SER A 614 53.84 -5.80 -6.52
CA SER A 614 53.35 -6.07 -7.87
C SER A 614 53.98 -7.33 -8.45
N GLU A 615 55.17 -7.67 -8.01
CA GLU A 615 55.92 -8.78 -8.57
C GLU A 615 55.78 -9.98 -7.66
N PRO A 616 55.53 -11.16 -8.22
CA PRO A 616 55.41 -12.38 -7.42
C PRO A 616 56.60 -12.55 -6.49
N ALA A 617 56.31 -12.78 -5.20
CA ALA A 617 57.37 -12.92 -4.22
C ALA A 617 58.12 -14.23 -4.43
N GLU A 618 59.26 -14.34 -3.75
CA GLU A 618 60.10 -15.51 -3.92
C GLU A 618 59.92 -16.47 -2.75
N TYR A 619 60.53 -17.64 -2.90
CA TYR A 619 60.01 -18.79 -2.19
C TYR A 619 60.29 -18.70 -0.69
N ARG A 620 59.22 -18.82 0.08
CA ARG A 620 59.20 -19.10 1.50
C ARG A 620 59.98 -18.07 2.36
N GLU A 621 60.32 -16.92 1.78
CA GLU A 621 59.96 -15.79 2.63
C GLU A 621 58.42 -15.72 2.74
N ILE A 622 57.78 -16.64 2.03
CA ILE A 622 56.43 -17.11 2.27
C ILE A 622 56.33 -18.08 3.47
N HIS A 623 57.36 -18.90 3.79
CA HIS A 623 57.25 -19.77 4.98
C HIS A 623 57.61 -18.97 6.23
N ILE A 624 58.58 -18.05 6.11
CA ILE A 624 58.87 -17.18 7.24
C ILE A 624 57.65 -16.37 7.59
N ALA A 625 56.80 -16.05 6.60
CA ALA A 625 55.56 -15.33 6.89
C ALA A 625 54.51 -16.25 7.50
N LEU A 626 54.36 -17.47 6.97
CA LEU A 626 53.42 -18.46 7.51
C LEU A 626 54.01 -19.17 8.73
N GLN B 13 -10.40 -23.25 29.57
CA GLN B 13 -10.61 -22.15 28.66
C GLN B 13 -9.68 -22.19 27.46
N GLN B 14 -8.52 -22.86 27.58
CA GLN B 14 -7.71 -22.96 26.37
C GLN B 14 -8.35 -23.87 25.33
N ARG B 15 -9.19 -24.83 25.73
CA ARG B 15 -9.77 -25.76 24.76
C ARG B 15 -10.83 -25.08 23.86
N LEU B 16 -11.56 -24.11 24.41
CA LEU B 16 -12.67 -23.54 23.62
C LEU B 16 -12.28 -22.48 22.60
N ASP B 17 -10.99 -22.21 22.39
CA ASP B 17 -10.67 -21.28 21.32
C ASP B 17 -10.88 -21.92 19.96
N SER B 18 -11.15 -23.24 19.95
CA SER B 18 -11.59 -23.95 18.76
C SER B 18 -13.10 -24.20 18.77
N LEU B 19 -13.85 -23.47 19.60
CA LEU B 19 -15.30 -23.52 19.55
C LEU B 19 -15.79 -22.36 18.68
N MET B 20 -17.04 -22.46 18.26
CA MET B 20 -17.64 -21.36 17.52
C MET B 20 -17.80 -20.13 18.40
N LEU B 21 -17.71 -18.97 17.76
CA LEU B 21 -17.55 -17.72 18.51
C LEU B 21 -18.73 -17.45 19.45
N ARG B 22 -19.96 -17.70 19.01
CA ARG B 22 -21.08 -17.45 19.94
C ARG B 22 -21.03 -18.43 21.08
N ASP B 23 -20.67 -19.68 20.80
CA ASP B 23 -20.52 -20.66 21.85
C ASP B 23 -19.35 -20.33 22.77
N ARG B 24 -18.22 -19.88 22.20
CA ARG B 24 -17.06 -19.59 23.02
C ARG B 24 -17.32 -18.42 23.96
N LEU B 25 -18.00 -17.37 23.47
CA LEU B 25 -18.41 -16.27 24.34
C LEU B 25 -19.25 -16.78 25.49
N ARG B 26 -20.13 -17.75 25.21
CA ARG B 26 -21.07 -18.25 26.21
C ARG B 26 -20.33 -18.86 27.41
N PHE B 27 -19.47 -19.85 27.16
CA PHE B 27 -18.80 -20.58 28.23
C PHE B 27 -17.87 -19.71 29.07
N SER B 28 -16.94 -19.02 28.42
CA SER B 28 -15.74 -18.56 29.10
C SER B 28 -15.90 -17.38 30.03
N ALA B 51 -17.97 -28.36 31.28
CA ALA B 51 -16.75 -28.51 30.48
C ALA B 51 -16.89 -29.65 29.49
N LYS B 52 -17.72 -30.62 29.83
CA LYS B 52 -18.11 -31.61 28.84
C LYS B 52 -19.25 -31.13 27.96
N GLU B 53 -19.97 -30.08 28.35
CA GLU B 53 -20.75 -29.47 27.30
C GLU B 53 -19.79 -28.56 26.55
N ILE B 54 -18.63 -29.07 26.14
CA ILE B 54 -17.69 -28.39 25.27
C ILE B 54 -17.46 -29.34 24.10
N ASP B 55 -17.13 -30.60 24.45
CA ASP B 55 -17.04 -31.66 23.45
C ASP B 55 -18.25 -31.65 22.53
N GLN B 56 -19.44 -31.37 23.08
CA GLN B 56 -20.64 -31.25 22.27
C GLN B 56 -20.51 -30.09 21.29
N ALA B 57 -20.26 -28.88 21.81
CA ALA B 57 -20.12 -27.72 20.96
C ALA B 57 -18.99 -27.89 19.95
N ALA B 58 -17.91 -28.58 20.34
CA ALA B 58 -16.82 -28.79 19.39
C ALA B 58 -17.23 -29.68 18.23
N GLY B 59 -18.30 -30.46 18.36
CA GLY B 59 -18.74 -31.27 17.24
C GLY B 59 -19.33 -30.42 16.12
N LYS B 60 -19.95 -29.29 16.47
CA LYS B 60 -20.44 -28.35 15.47
C LYS B 60 -19.34 -27.87 14.53
N VAL B 61 -18.16 -27.56 15.09
CA VAL B 61 -17.06 -27.03 14.30
C VAL B 61 -16.62 -28.07 13.30
N LEU B 62 -16.59 -29.31 13.76
CA LEU B 62 -15.92 -30.37 13.06
C LEU B 62 -16.82 -30.95 11.96
N LEU B 63 -18.14 -30.85 12.14
CA LEU B 63 -19.12 -31.03 11.07
C LEU B 63 -18.99 -29.96 10.00
N ARG B 64 -18.81 -28.70 10.42
CA ARG B 64 -18.66 -27.61 9.46
C ARG B 64 -17.37 -27.76 8.66
N GLU B 65 -16.28 -28.13 9.34
CA GLU B 65 -15.05 -28.40 8.61
C GLU B 65 -15.25 -29.54 7.61
N ALA B 66 -16.04 -30.53 7.98
CA ALA B 66 -16.32 -31.63 7.06
C ALA B 66 -17.12 -31.17 5.85
N ALA B 67 -17.97 -30.16 6.02
CA ALA B 67 -18.80 -29.67 4.93
C ALA B 67 -18.09 -28.64 4.05
N ARG B 68 -16.86 -28.25 4.38
CA ARG B 68 -16.17 -27.21 3.59
C ARG B 68 -15.83 -27.76 2.21
N PRO B 69 -16.17 -27.06 1.14
CA PRO B 69 -15.88 -27.58 -0.21
C PRO B 69 -14.41 -27.38 -0.57
N GLU B 70 -14.02 -28.03 -1.66
CA GLU B 70 -12.72 -27.76 -2.26
C GLU B 70 -12.76 -26.39 -2.90
N ILE B 71 -11.78 -25.56 -2.57
CA ILE B 71 -11.74 -24.19 -3.05
C ILE B 71 -10.98 -24.17 -4.38
N THR B 72 -11.63 -23.62 -5.41
CA THR B 72 -10.99 -23.45 -6.70
C THR B 72 -11.21 -22.03 -7.22
N TYR B 73 -10.36 -21.63 -8.17
CA TYR B 73 -10.43 -20.29 -8.70
C TYR B 73 -10.32 -20.33 -10.22
N PRO B 74 -11.05 -19.47 -10.94
CA PRO B 74 -10.80 -19.35 -12.38
C PRO B 74 -9.45 -18.68 -12.60
N ASP B 75 -8.57 -19.34 -13.37
CA ASP B 75 -7.18 -18.88 -13.48
C ASP B 75 -7.04 -17.55 -14.21
N ASN B 76 -8.05 -17.12 -14.97
CA ASN B 76 -7.95 -15.90 -15.75
C ASN B 76 -8.28 -14.63 -14.94
N LEU B 77 -8.60 -14.75 -13.65
CA LEU B 77 -8.92 -13.51 -12.95
C LEU B 77 -7.70 -12.96 -12.22
N PRO B 78 -7.45 -11.64 -12.28
CA PRO B 78 -6.32 -11.08 -11.53
C PRO B 78 -6.32 -11.45 -10.05
N VAL B 79 -7.48 -11.45 -9.38
CA VAL B 79 -7.51 -11.79 -7.96
C VAL B 79 -7.09 -13.24 -7.74
N SER B 80 -7.49 -14.15 -8.64
CA SER B 80 -7.04 -15.54 -8.51
C SER B 80 -5.53 -15.65 -8.67
N GLN B 81 -4.97 -14.95 -9.66
CA GLN B 81 -3.51 -14.99 -9.85
C GLN B 81 -2.76 -14.38 -8.70
N LYS B 82 -3.34 -13.39 -8.03
CA LYS B 82 -2.66 -12.66 -6.98
C LYS B 82 -3.08 -13.11 -5.59
N LYS B 83 -3.70 -14.29 -5.49
CA LYS B 83 -4.37 -14.68 -4.25
C LYS B 83 -3.40 -14.85 -3.10
N GLN B 84 -2.14 -15.20 -3.36
CA GLN B 84 -1.22 -15.47 -2.25
C GLN B 84 -0.87 -14.20 -1.49
N ASP B 85 -0.64 -13.09 -2.19
CA ASP B 85 -0.39 -11.83 -1.50
C ASP B 85 -1.62 -11.36 -0.75
N ILE B 86 -2.80 -11.58 -1.32
CA ILE B 86 -4.04 -11.21 -0.66
C ILE B 86 -4.22 -12.04 0.60
N LEU B 87 -4.00 -13.35 0.48
CA LEU B 87 -4.13 -14.25 1.62
C LEU B 87 -3.23 -13.83 2.76
N GLU B 88 -1.97 -13.54 2.46
CA GLU B 88 -1.02 -13.19 3.50
C GLU B 88 -1.38 -11.85 4.13
N ALA B 89 -1.88 -10.91 3.33
CA ALA B 89 -2.30 -9.64 3.89
C ALA B 89 -3.45 -9.84 4.87
N ILE B 90 -4.46 -10.59 4.47
CA ILE B 90 -5.58 -10.84 5.38
C ILE B 90 -5.09 -11.58 6.61
N ARG B 91 -4.22 -12.58 6.42
CA ARG B 91 -3.70 -13.35 7.54
C ARG B 91 -3.02 -12.45 8.57
N ASP B 92 -2.20 -11.52 8.11
CA ASP B 92 -1.31 -10.80 9.01
C ASP B 92 -1.86 -9.46 9.49
N HIS B 93 -3.05 -9.06 9.04
CA HIS B 93 -3.62 -7.77 9.42
C HIS B 93 -5.08 -7.94 9.77
N GLN B 94 -5.53 -7.18 10.79
CA GLN B 94 -6.94 -7.23 11.15
C GLN B 94 -7.81 -6.58 10.09
N VAL B 95 -7.31 -5.50 9.47
CA VAL B 95 -8.02 -4.78 8.43
C VAL B 95 -7.16 -4.72 7.18
N VAL B 96 -7.77 -5.04 6.02
CA VAL B 96 -7.12 -4.94 4.72
C VAL B 96 -8.06 -4.19 3.78
N ILE B 97 -7.49 -3.32 2.96
CA ILE B 97 -8.24 -2.66 1.89
C ILE B 97 -7.83 -3.31 0.58
N VAL B 98 -8.79 -3.89 -0.15
CA VAL B 98 -8.53 -4.48 -1.45
C VAL B 98 -9.15 -3.59 -2.50
N ALA B 99 -8.31 -2.99 -3.35
CA ALA B 99 -8.77 -2.05 -4.35
C ALA B 99 -8.35 -2.51 -5.73
N GLY B 100 -9.24 -2.38 -6.71
CA GLY B 100 -8.90 -2.87 -8.04
C GLY B 100 -9.98 -2.56 -9.06
N GLU B 101 -9.56 -2.57 -10.30
CA GLU B 101 -10.46 -2.38 -11.42
C GLU B 101 -11.61 -3.39 -11.35
N THR B 102 -12.78 -2.92 -11.77
CA THR B 102 -13.95 -3.78 -11.89
C THR B 102 -13.61 -4.97 -12.79
N GLY B 103 -14.08 -6.16 -12.40
CA GLY B 103 -13.75 -7.34 -13.17
C GLY B 103 -12.50 -8.03 -12.70
N SER B 104 -11.81 -7.48 -11.69
CA SER B 104 -10.59 -8.11 -11.18
C SER B 104 -10.86 -9.46 -10.55
N GLY B 105 -12.08 -9.69 -10.07
CA GLY B 105 -12.41 -10.88 -9.28
C GLY B 105 -12.52 -10.63 -7.78
N LYS B 106 -12.63 -9.38 -7.35
CA LYS B 106 -12.70 -9.08 -5.91
C LYS B 106 -13.93 -9.73 -5.29
N THR B 107 -15.10 -9.44 -5.85
CA THR B 107 -16.36 -9.86 -5.23
C THR B 107 -16.52 -11.38 -5.24
N THR B 108 -16.22 -12.02 -6.37
CA THR B 108 -16.49 -13.46 -6.42
C THR B 108 -15.38 -14.29 -5.79
N GLN B 109 -14.14 -13.78 -5.69
CA GLN B 109 -13.03 -14.60 -5.20
C GLN B 109 -12.56 -14.31 -3.79
N LEU B 110 -12.74 -13.08 -3.28
CA LEU B 110 -12.27 -12.77 -1.93
C LEU B 110 -12.86 -13.67 -0.84
N PRO B 111 -14.16 -13.99 -0.84
CA PRO B 111 -14.65 -14.94 0.16
C PRO B 111 -13.97 -16.30 0.08
N LYS B 112 -13.62 -16.77 -1.12
CA LYS B 112 -12.89 -18.04 -1.24
C LYS B 112 -11.53 -17.96 -0.56
N ILE B 113 -10.83 -16.83 -0.73
CA ILE B 113 -9.52 -16.65 -0.12
C ILE B 113 -9.63 -16.71 1.40
N CYS B 114 -10.70 -16.12 1.93
CA CYS B 114 -10.94 -16.19 3.37
C CYS B 114 -11.16 -17.62 3.84
N MET B 115 -11.84 -18.42 3.02
CA MET B 115 -12.04 -19.82 3.34
C MET B 115 -10.73 -20.61 3.26
N GLU B 116 -9.91 -20.32 2.24
CA GLU B 116 -8.63 -21.04 2.13
C GLU B 116 -7.74 -20.72 3.32
N LEU B 117 -7.83 -19.50 3.82
CA LEU B 117 -7.11 -19.12 5.02
C LEU B 117 -7.63 -19.81 6.27
N GLY B 118 -8.81 -20.45 6.20
CA GLY B 118 -9.42 -21.10 7.34
C GLY B 118 -10.54 -20.34 8.03
N ARG B 119 -10.92 -19.16 7.55
CA ARG B 119 -12.04 -18.46 8.17
C ARG B 119 -13.37 -19.07 7.72
N GLY B 120 -14.45 -18.66 8.39
CA GLY B 120 -15.77 -19.14 8.02
C GLY B 120 -16.18 -20.43 8.70
N ILE B 121 -15.38 -20.96 9.62
CA ILE B 121 -15.74 -22.18 10.33
C ILE B 121 -16.30 -21.82 11.70
N LYS B 122 -15.52 -21.07 12.47
CA LYS B 122 -15.94 -20.74 13.83
C LYS B 122 -16.86 -19.53 13.88
N GLY B 123 -16.88 -18.72 12.83
CA GLY B 123 -17.88 -17.70 12.61
C GLY B 123 -18.10 -17.60 11.12
N LEU B 124 -19.07 -16.78 10.71
CA LEU B 124 -19.36 -16.61 9.30
C LEU B 124 -18.45 -15.54 8.69
N ILE B 125 -18.20 -15.69 7.39
CA ILE B 125 -17.62 -14.64 6.56
C ILE B 125 -18.80 -13.83 6.05
N GLY B 126 -19.04 -12.65 6.62
CA GLY B 126 -20.14 -11.80 6.18
C GLY B 126 -19.69 -10.89 5.05
N HIS B 127 -20.52 -10.76 4.04
CA HIS B 127 -20.11 -10.09 2.80
C HIS B 127 -21.26 -9.19 2.34
N THR B 128 -21.11 -7.87 2.48
CA THR B 128 -22.22 -6.96 2.21
C THR B 128 -22.15 -6.42 0.79
N GLN B 129 -23.33 -6.17 0.23
CA GLN B 129 -23.54 -5.54 -1.07
C GLN B 129 -24.49 -4.37 -0.89
N PRO B 130 -24.40 -3.35 -1.75
CA PRO B 130 -25.37 -2.25 -1.68
C PRO B 130 -26.76 -2.65 -2.09
N ARG B 131 -26.90 -3.66 -2.95
CA ARG B 131 -28.18 -3.98 -3.57
C ARG B 131 -28.58 -5.43 -3.29
N ARG B 132 -29.88 -5.59 -3.06
CA ARG B 132 -30.44 -6.90 -2.79
C ARG B 132 -30.19 -7.87 -3.94
N LEU B 133 -30.35 -7.40 -5.18
CA LEU B 133 -30.12 -8.27 -6.34
C LEU B 133 -28.68 -8.75 -6.40
N ALA B 134 -27.73 -7.88 -6.06
CA ALA B 134 -26.33 -8.27 -6.15
C ALA B 134 -25.97 -9.30 -5.09
N ALA B 135 -26.54 -9.17 -3.87
CA ALA B 135 -26.25 -10.14 -2.82
C ALA B 135 -26.66 -11.55 -3.23
N ARG B 136 -27.87 -11.70 -3.77
CA ARG B 136 -28.33 -13.02 -4.21
C ARG B 136 -27.52 -13.53 -5.40
N THR B 137 -27.31 -12.67 -6.41
CA THR B 137 -26.59 -13.08 -7.61
C THR B 137 -25.16 -13.51 -7.29
N VAL B 138 -24.49 -12.76 -6.41
CA VAL B 138 -23.12 -13.13 -6.04
C VAL B 138 -23.10 -14.46 -5.30
N ALA B 139 -24.03 -14.65 -4.37
CA ALA B 139 -24.06 -15.90 -3.62
C ALA B 139 -24.25 -17.09 -4.56
N ASN B 140 -25.21 -16.99 -5.47
CA ASN B 140 -25.43 -18.06 -6.45
C ASN B 140 -24.18 -18.31 -7.29
N ARG B 141 -23.46 -17.25 -7.66
CA ARG B 141 -22.32 -17.41 -8.54
C ARG B 141 -21.16 -18.09 -7.83
N ILE B 142 -20.85 -17.67 -6.60
CA ILE B 142 -19.78 -18.32 -5.86
C ILE B 142 -20.13 -19.77 -5.57
N ALA B 143 -21.38 -20.03 -5.16
CA ALA B 143 -21.81 -21.40 -4.91
C ALA B 143 -21.63 -22.27 -6.16
N GLU B 144 -22.01 -21.74 -7.33
CA GLU B 144 -21.85 -22.50 -8.56
C GLU B 144 -20.40 -22.75 -8.89
N GLU B 145 -19.55 -21.72 -8.78
CA GLU B 145 -18.13 -21.91 -9.05
C GLU B 145 -17.53 -22.98 -8.14
N LEU B 146 -18.01 -23.08 -6.90
CA LEU B 146 -17.54 -24.11 -5.98
C LEU B 146 -18.31 -25.41 -6.14
N LYS B 147 -19.24 -25.47 -7.10
CA LYS B 147 -20.07 -26.65 -7.33
C LYS B 147 -20.82 -27.08 -6.07
N THR B 148 -21.50 -26.11 -5.47
CA THR B 148 -22.28 -26.31 -4.26
C THR B 148 -23.65 -25.67 -4.47
N GLU B 149 -24.52 -25.93 -3.55
CA GLU B 149 -25.87 -25.39 -3.64
C GLU B 149 -25.94 -24.09 -2.84
N PRO B 150 -26.51 -23.03 -3.41
CA PRO B 150 -26.70 -21.79 -2.64
C PRO B 150 -27.58 -22.06 -1.42
N GLY B 151 -27.17 -21.52 -0.27
CA GLY B 151 -27.73 -21.91 1.00
C GLY B 151 -26.91 -22.95 1.72
N GLY B 152 -25.96 -23.58 1.03
CA GLY B 152 -25.01 -24.47 1.67
C GLY B 152 -23.84 -23.62 2.13
N CYS B 153 -22.63 -24.00 1.72
CA CYS B 153 -21.43 -23.25 2.11
C CYS B 153 -21.55 -21.76 1.81
N ILE B 154 -22.15 -21.40 0.68
CA ILE B 154 -22.44 -20.01 0.33
C ILE B 154 -23.93 -19.78 0.49
N GLY B 155 -24.30 -18.85 1.37
CA GLY B 155 -25.69 -18.49 1.56
C GLY B 155 -25.87 -16.99 1.43
N TYR B 156 -27.11 -16.55 1.64
CA TYR B 156 -27.37 -15.12 1.56
C TYR B 156 -28.57 -14.75 2.39
N LYS B 157 -28.63 -13.47 2.77
CA LYS B 157 -29.76 -12.95 3.53
C LYS B 157 -30.09 -11.56 2.98
N VAL B 158 -31.29 -11.42 2.42
CA VAL B 158 -31.81 -10.13 2.01
C VAL B 158 -33.22 -9.98 2.54
N ARG B 159 -33.82 -8.83 2.28
CA ARG B 159 -35.20 -8.64 2.71
C ARG B 159 -36.07 -9.71 2.09
N PHE B 160 -36.84 -10.40 2.93
CA PHE B 160 -37.78 -11.46 2.57
C PHE B 160 -37.11 -12.80 2.18
N SER B 161 -35.79 -12.94 2.32
CA SER B 161 -35.15 -14.22 1.97
C SER B 161 -33.89 -14.39 2.80
N ASN B 162 -33.90 -15.40 3.67
CA ASN B 162 -32.80 -15.74 4.57
C ASN B 162 -32.39 -17.17 4.23
N HIS B 163 -31.49 -17.32 3.25
CA HIS B 163 -31.01 -18.62 2.77
C HIS B 163 -29.68 -19.02 3.42
N VAL B 164 -29.71 -19.30 4.71
CA VAL B 164 -28.50 -19.63 5.46
C VAL B 164 -28.80 -20.88 6.28
N SER B 165 -27.99 -21.92 6.08
CA SER B 165 -28.11 -23.17 6.82
C SER B 165 -27.01 -23.25 7.88
N ASP B 166 -27.04 -24.35 8.65
CA ASP B 166 -26.01 -24.60 9.65
C ASP B 166 -24.63 -24.82 9.02
N ASN B 167 -24.57 -25.09 7.72
CA ASN B 167 -23.30 -25.32 7.06
C ASN B 167 -22.78 -24.09 6.35
N THR B 168 -23.51 -22.99 6.40
CA THR B 168 -23.11 -21.82 5.64
C THR B 168 -21.84 -21.23 6.21
N MET B 169 -20.88 -20.99 5.33
CA MET B 169 -19.62 -20.35 5.71
C MET B 169 -19.53 -18.90 5.28
N VAL B 170 -20.09 -18.56 4.13
CA VAL B 170 -20.07 -17.22 3.59
C VAL B 170 -21.51 -16.74 3.48
N LYS B 171 -21.81 -15.58 4.06
CA LYS B 171 -23.16 -15.04 4.07
C LYS B 171 -23.18 -13.73 3.29
N LEU B 172 -23.64 -13.76 2.05
CA LEU B 172 -23.86 -12.53 1.31
C LEU B 172 -25.10 -11.83 1.86
N MET B 173 -25.07 -10.50 1.89
CA MET B 173 -26.22 -9.76 2.40
C MET B 173 -26.09 -8.32 1.92
N THR B 174 -27.17 -7.55 2.07
CA THR B 174 -27.01 -6.13 1.84
C THR B 174 -26.36 -5.49 3.07
N ASP B 175 -25.75 -4.32 2.86
CA ASP B 175 -25.23 -3.63 4.03
C ASP B 175 -26.36 -3.22 4.98
N GLY B 176 -27.55 -2.94 4.46
CA GLY B 176 -28.69 -2.67 5.33
C GLY B 176 -29.04 -3.86 6.21
N ILE B 177 -28.95 -5.08 5.66
CA ILE B 177 -29.22 -6.27 6.47
C ILE B 177 -28.23 -6.36 7.63
N LEU B 178 -26.93 -6.13 7.36
CA LEU B 178 -25.93 -6.26 8.42
C LEU B 178 -26.13 -5.18 9.48
N LEU B 179 -26.44 -3.94 9.06
CA LEU B 179 -26.74 -2.90 10.03
C LEU B 179 -27.92 -3.30 10.93
N ALA B 180 -28.99 -3.85 10.35
CA ALA B 180 -30.16 -4.21 11.15
C ALA B 180 -29.86 -5.33 12.16
N GLU B 181 -28.83 -6.14 11.91
CA GLU B 181 -28.48 -7.21 12.85
C GLU B 181 -27.75 -6.70 14.08
N ILE B 182 -27.21 -5.47 14.03
CA ILE B 182 -26.38 -4.98 15.13
C ILE B 182 -27.17 -4.91 16.43
N GLN B 183 -28.45 -4.55 16.34
CA GLN B 183 -29.25 -4.38 17.54
C GLN B 183 -29.33 -5.68 18.35
N GLN B 184 -29.57 -6.80 17.68
CA GLN B 184 -29.66 -8.07 18.37
C GLN B 184 -28.30 -8.72 18.59
N ASP B 185 -27.25 -8.23 17.94
CA ASP B 185 -25.91 -8.80 18.12
C ASP B 185 -24.91 -7.65 17.99
N ARG B 186 -24.55 -7.05 19.14
CA ARG B 186 -23.82 -5.78 19.12
C ARG B 186 -22.35 -6.01 18.86
N LEU B 187 -21.85 -7.18 19.23
CA LEU B 187 -20.46 -7.56 18.96
C LEU B 187 -20.32 -8.32 17.65
N LEU B 188 -21.43 -8.52 16.92
CA LEU B 188 -21.43 -9.22 15.64
C LEU B 188 -20.70 -10.56 15.74
N MET B 189 -20.97 -11.29 16.84
CA MET B 189 -20.30 -12.54 17.17
C MET B 189 -20.67 -13.67 16.21
N GLN B 190 -21.70 -13.46 15.39
CA GLN B 190 -21.98 -14.38 14.30
C GLN B 190 -20.81 -14.49 13.32
N TYR B 191 -19.98 -13.45 13.21
CA TYR B 191 -19.00 -13.32 12.14
C TYR B 191 -17.57 -13.38 12.67
N ASP B 192 -16.71 -14.12 11.98
CA ASP B 192 -15.28 -13.97 12.19
C ASP B 192 -14.64 -13.09 11.14
N THR B 193 -15.36 -12.74 10.07
CA THR B 193 -14.81 -11.95 8.98
C THR B 193 -15.94 -11.13 8.36
N ILE B 194 -15.67 -9.86 8.06
CA ILE B 194 -16.66 -9.03 7.42
C ILE B 194 -16.03 -8.35 6.20
N ILE B 195 -16.61 -8.61 5.03
CA ILE B 195 -16.20 -7.97 3.78
C ILE B 195 -17.24 -6.90 3.46
N ILE B 196 -16.80 -5.64 3.41
CA ILE B 196 -17.63 -4.53 2.98
C ILE B 196 -17.32 -4.29 1.51
N ASP B 197 -18.26 -4.62 0.63
CA ASP B 197 -18.01 -4.56 -0.81
C ASP B 197 -18.58 -3.27 -1.41
N GLU B 198 -18.04 -2.91 -2.58
CA GLU B 198 -18.44 -1.67 -3.27
C GLU B 198 -18.24 -0.45 -2.38
N ALA B 199 -17.22 -0.48 -1.52
CA ALA B 199 -17.16 0.49 -0.45
C ALA B 199 -16.98 1.91 -0.98
N HIS B 200 -16.43 2.05 -2.18
CA HIS B 200 -16.25 3.35 -2.82
C HIS B 200 -17.57 4.05 -3.12
N GLU B 201 -18.71 3.34 -3.06
CA GLU B 201 -19.99 4.03 -3.27
C GLU B 201 -20.29 5.00 -2.14
N ARG B 202 -19.70 4.79 -0.95
CA ARG B 202 -19.80 5.69 0.20
C ARG B 202 -21.26 6.13 0.47
N SER B 203 -22.18 5.17 0.40
CA SER B 203 -23.53 5.41 0.87
C SER B 203 -23.52 5.58 2.39
N LEU B 204 -24.67 6.02 2.92
CA LEU B 204 -24.84 6.07 4.38
C LEU B 204 -24.62 4.70 5.00
N ASN B 205 -25.17 3.64 4.38
CA ASN B 205 -25.04 2.30 4.96
C ASN B 205 -23.59 1.89 5.07
N ILE B 206 -22.81 2.13 4.02
CA ILE B 206 -21.39 1.78 4.05
C ILE B 206 -20.67 2.58 5.14
N ASP B 207 -20.95 3.88 5.23
CA ASP B 207 -20.27 4.70 6.23
C ASP B 207 -20.71 4.34 7.65
N PHE B 208 -21.99 3.95 7.83
CA PHE B 208 -22.40 3.48 9.15
C PHE B 208 -21.62 2.22 9.54
N LEU B 209 -21.45 1.29 8.60
CA LEU B 209 -20.71 0.06 8.87
C LEU B 209 -19.23 0.35 9.14
N LEU B 210 -18.62 1.23 8.36
CA LEU B 210 -17.20 1.48 8.56
C LEU B 210 -16.98 2.14 9.91
N GLY B 211 -17.91 3.01 10.31
CA GLY B 211 -17.82 3.62 11.62
C GLY B 211 -18.06 2.61 12.73
N TYR B 212 -19.12 1.80 12.61
CA TYR B 212 -19.40 0.86 13.69
C TYR B 212 -18.28 -0.16 13.83
N LEU B 213 -17.74 -0.63 12.71
CA LEU B 213 -16.68 -1.64 12.77
C LEU B 213 -15.44 -1.08 13.45
N LYS B 214 -15.06 0.17 13.14
CA LYS B 214 -13.92 0.77 13.81
C LYS B 214 -14.15 0.84 15.31
N GLU B 215 -15.36 1.24 15.71
CA GLU B 215 -15.74 1.23 17.12
C GLU B 215 -15.62 -0.17 17.72
N LEU B 216 -15.99 -1.20 16.94
CA LEU B 216 -16.11 -2.55 17.44
C LEU B 216 -14.75 -3.24 17.59
N LEU B 217 -13.77 -2.89 16.77
CA LEU B 217 -12.54 -3.68 16.68
C LEU B 217 -11.79 -3.88 18.00
N PRO B 218 -11.63 -2.88 18.88
CA PRO B 218 -10.91 -3.15 20.14
C PRO B 218 -11.49 -4.28 20.95
N ARG B 219 -12.78 -4.54 20.80
CA ARG B 219 -13.43 -5.62 21.53
C ARG B 219 -13.62 -6.89 20.73
N ARG B 220 -13.21 -6.90 19.45
CA ARG B 220 -13.26 -8.09 18.61
C ARG B 220 -11.89 -8.32 18.00
N PRO B 221 -10.88 -8.62 18.82
CA PRO B 221 -9.53 -8.85 18.26
C PRO B 221 -9.43 -10.07 17.36
N ASP B 222 -10.42 -10.96 17.39
CA ASP B 222 -10.48 -12.12 16.51
C ASP B 222 -11.15 -11.82 15.18
N LEU B 223 -11.79 -10.66 15.03
CA LEU B 223 -12.53 -10.31 13.84
C LEU B 223 -11.60 -9.73 12.79
N LYS B 224 -11.78 -10.13 11.54
CA LYS B 224 -11.02 -9.59 10.42
C LYS B 224 -11.94 -8.82 9.48
N ILE B 225 -11.46 -7.68 8.98
CA ILE B 225 -12.24 -6.79 8.12
C ILE B 225 -11.54 -6.68 6.77
N ILE B 226 -12.30 -6.78 5.69
CA ILE B 226 -11.78 -6.53 4.36
C ILE B 226 -12.67 -5.49 3.72
N ILE B 227 -12.10 -4.32 3.40
CA ILE B 227 -12.81 -3.26 2.73
C ILE B 227 -12.49 -3.39 1.24
N THR B 228 -13.51 -3.62 0.42
CA THR B 228 -13.32 -3.95 -0.99
C THR B 228 -13.86 -2.81 -1.83
N SER B 229 -13.07 -2.39 -2.83
CA SER B 229 -13.34 -1.11 -3.46
C SER B 229 -12.75 -1.04 -4.87
N ALA B 230 -13.38 -0.23 -5.70
CA ALA B 230 -12.69 0.34 -6.86
C ALA B 230 -11.52 1.21 -6.38
N THR B 231 -10.54 1.41 -7.26
CA THR B 231 -9.33 2.16 -6.87
C THR B 231 -9.61 3.66 -6.92
N ILE B 232 -10.40 4.12 -5.96
CA ILE B 232 -10.79 5.53 -5.87
C ILE B 232 -10.45 5.95 -4.46
N ASP B 233 -9.31 6.62 -4.29
CA ASP B 233 -8.88 7.14 -3.00
C ASP B 233 -8.97 6.09 -1.87
N PRO B 234 -8.42 4.89 -2.09
CA PRO B 234 -8.44 3.91 -0.99
C PRO B 234 -7.60 4.33 0.21
N GLU B 235 -6.75 5.35 0.07
CA GLU B 235 -5.99 5.84 1.22
C GLU B 235 -6.90 6.35 2.32
N ARG B 236 -8.07 6.90 1.96
CA ARG B 236 -8.99 7.39 2.97
C ARG B 236 -9.52 6.26 3.84
N PHE B 237 -9.83 5.10 3.24
CA PHE B 237 -10.20 3.94 4.04
C PHE B 237 -9.04 3.46 4.89
N SER B 238 -7.82 3.48 4.33
CA SER B 238 -6.64 3.06 5.06
C SER B 238 -6.44 3.91 6.30
N ARG B 239 -6.46 5.24 6.14
CA ARG B 239 -6.28 6.14 7.27
C ARG B 239 -7.35 5.90 8.33
N HIS B 240 -8.60 5.68 7.91
CA HIS B 240 -9.65 5.42 8.88
C HIS B 240 -9.33 4.19 9.75
N PHE B 241 -8.86 3.11 9.14
CA PHE B 241 -8.53 1.92 9.93
C PHE B 241 -7.06 1.83 10.35
N ASN B 242 -6.55 2.88 11.00
CA ASN B 242 -5.22 2.86 11.63
C ASN B 242 -4.16 2.45 10.61
N ASN B 243 -4.24 3.09 9.46
CA ASN B 243 -3.29 3.00 8.39
C ASN B 243 -3.18 1.53 7.89
N ALA B 244 -4.34 0.91 7.63
CA ALA B 244 -4.38 -0.47 7.13
C ALA B 244 -3.74 -0.59 5.74
N PRO B 245 -3.12 -1.73 5.44
CA PRO B 245 -2.48 -1.90 4.13
C PRO B 245 -3.49 -1.92 2.99
N ILE B 246 -3.06 -1.41 1.83
CA ILE B 246 -3.86 -1.40 0.62
C ILE B 246 -3.24 -2.37 -0.38
N ILE B 247 -3.96 -3.42 -0.74
CA ILE B 247 -3.54 -4.33 -1.80
C ILE B 247 -4.28 -3.96 -3.06
N GLU B 248 -3.55 -3.51 -4.07
CA GLU B 248 -4.14 -3.10 -5.33
C GLU B 248 -4.05 -4.29 -6.28
N VAL B 249 -5.18 -4.80 -6.72
CA VAL B 249 -5.23 -6.13 -7.34
C VAL B 249 -5.61 -6.04 -8.81
N SER B 250 -5.54 -4.85 -9.41
CA SER B 250 -5.82 -4.70 -10.84
C SER B 250 -4.88 -5.56 -11.67
N GLY B 251 -5.41 -6.18 -12.72
CA GLY B 251 -4.60 -6.82 -13.74
C GLY B 251 -4.28 -5.87 -14.87
N ARG B 252 -3.99 -6.46 -16.04
CA ARG B 252 -3.67 -5.62 -17.19
C ARG B 252 -4.91 -4.89 -17.69
N THR B 253 -4.76 -3.57 -17.90
CA THR B 253 -5.75 -2.72 -18.55
C THR B 253 -5.11 -2.07 -19.77
N TYR B 254 -5.91 -1.86 -20.81
CA TYR B 254 -5.44 -1.20 -22.03
C TYR B 254 -5.99 0.22 -22.13
N PRO B 255 -5.19 1.15 -22.64
CA PRO B 255 -5.69 2.53 -22.80
C PRO B 255 -6.93 2.58 -23.68
N VAL B 256 -7.86 3.45 -23.32
CA VAL B 256 -9.15 3.57 -23.98
C VAL B 256 -9.18 4.86 -24.78
N GLU B 257 -9.61 4.78 -26.02
CA GLU B 257 -9.83 5.99 -26.80
C GLU B 257 -11.11 6.68 -26.33
N VAL B 258 -10.99 7.94 -25.93
CA VAL B 258 -12.14 8.78 -25.57
C VAL B 258 -12.51 9.63 -26.78
N ARG B 259 -13.79 9.62 -27.14
CA ARG B 259 -14.32 10.53 -28.15
C ARG B 259 -15.36 11.41 -27.47
N TYR B 260 -15.23 12.72 -27.65
CA TYR B 260 -16.16 13.68 -27.07
C TYR B 260 -17.20 14.10 -28.11
N ARG B 261 -18.48 13.95 -27.76
CA ARG B 261 -19.61 14.26 -28.64
C ARG B 261 -20.62 15.09 -27.84
N PRO B 262 -20.33 16.37 -27.62
CA PRO B 262 -21.19 17.22 -26.80
C PRO B 262 -22.64 17.26 -27.25
N ILE B 263 -23.54 17.40 -26.26
CA ILE B 263 -24.99 17.40 -26.42
C ILE B 263 -25.50 16.11 -27.04
N GLU B 271 -34.10 16.15 -25.62
CA GLU B 271 -34.89 14.94 -25.45
C GLU B 271 -34.57 13.94 -26.55
N ARG B 272 -34.98 14.16 -27.83
CA ARG B 272 -34.28 13.36 -28.83
C ARG B 272 -32.93 13.96 -29.04
N ASP B 273 -32.80 15.26 -28.81
CA ASP B 273 -31.48 15.87 -28.83
C ASP B 273 -30.60 15.11 -27.85
N GLN B 274 -31.19 14.83 -26.73
CA GLN B 274 -30.74 13.83 -25.79
C GLN B 274 -30.78 12.39 -26.34
N LEU B 275 -31.89 11.95 -26.94
CA LEU B 275 -31.91 10.57 -27.44
C LEU B 275 -31.10 10.40 -28.73
N GLN B 276 -31.15 11.36 -29.66
CA GLN B 276 -30.46 11.22 -30.95
C GLN B 276 -28.95 11.13 -30.79
N ALA B 277 -28.39 11.81 -29.79
CA ALA B 277 -26.97 11.67 -29.54
C ALA B 277 -26.59 10.22 -29.30
N ILE B 278 -27.44 9.48 -28.58
CA ILE B 278 -27.23 8.06 -28.37
C ILE B 278 -27.35 7.27 -29.68
N PHE B 279 -28.36 7.61 -30.50
CA PHE B 279 -28.50 6.98 -31.82
C PHE B 279 -27.24 7.18 -32.65
N ASP B 280 -26.74 8.42 -32.69
CA ASP B 280 -25.55 8.71 -33.48
C ASP B 280 -24.34 7.95 -32.95
N ALA B 281 -24.18 7.88 -31.62
CA ALA B 281 -23.07 7.13 -31.04
C ALA B 281 -23.18 5.64 -31.35
N VAL B 282 -24.39 5.08 -31.26
CA VAL B 282 -24.57 3.67 -31.56
C VAL B 282 -24.24 3.36 -33.01
N ASP B 283 -24.67 4.21 -33.93
CA ASP B 283 -24.37 3.99 -35.35
C ASP B 283 -22.86 4.05 -35.59
N GLU B 284 -22.20 5.05 -35.02
CA GLU B 284 -20.76 5.19 -35.12
C GLU B 284 -20.03 3.92 -34.65
N LEU B 285 -20.42 3.40 -33.48
CA LEU B 285 -19.70 2.27 -32.91
C LEU B 285 -20.03 0.95 -33.60
N SER B 286 -21.20 0.83 -34.23
CA SER B 286 -21.52 -0.42 -34.90
C SER B 286 -20.73 -0.60 -36.19
N GLN B 287 -19.97 0.42 -36.58
CA GLN B 287 -19.01 0.33 -37.66
C GLN B 287 -17.67 -0.27 -37.21
N GLU B 288 -17.40 -0.31 -35.90
CA GLU B 288 -16.11 -0.77 -35.42
C GLU B 288 -16.09 -2.31 -35.35
N SER B 289 -14.93 -2.85 -34.95
CA SER B 289 -14.73 -4.29 -34.91
C SER B 289 -15.69 -4.94 -33.92
N PRO B 290 -15.89 -6.26 -34.00
CA PRO B 290 -16.84 -6.92 -33.10
C PRO B 290 -16.56 -6.60 -31.63
N GLY B 291 -17.63 -6.47 -30.87
CA GLY B 291 -17.54 -6.09 -29.47
C GLY B 291 -18.80 -5.38 -29.03
N ASP B 292 -19.28 -5.68 -27.85
CA ASP B 292 -20.56 -5.15 -27.41
C ASP B 292 -20.43 -3.72 -26.89
N ILE B 293 -21.55 -3.00 -26.90
CA ILE B 293 -21.62 -1.61 -26.47
C ILE B 293 -22.41 -1.57 -25.17
N LEU B 294 -21.88 -0.86 -24.19
CA LEU B 294 -22.55 -0.62 -22.92
C LEU B 294 -22.95 0.86 -22.89
N ILE B 295 -24.25 1.11 -22.72
CA ILE B 295 -24.79 2.47 -22.66
C ILE B 295 -25.28 2.73 -21.23
N PHE B 296 -24.71 3.75 -20.59
CA PHE B 296 -25.12 4.13 -19.25
C PHE B 296 -26.34 5.06 -19.30
N MET B 297 -27.36 4.74 -18.50
CA MET B 297 -28.60 5.49 -18.50
C MET B 297 -28.96 5.95 -17.10
N SER B 298 -29.86 6.93 -17.04
CA SER B 298 -30.21 7.57 -15.77
C SER B 298 -31.26 6.82 -14.96
N GLY B 299 -32.01 5.91 -15.58
CA GLY B 299 -33.09 5.23 -14.88
C GLY B 299 -33.69 4.20 -15.81
N GLU B 300 -34.63 3.43 -15.25
CA GLU B 300 -35.17 2.28 -15.97
C GLU B 300 -36.21 2.68 -17.03
N ARG B 301 -36.97 3.76 -16.80
CA ARG B 301 -37.87 4.20 -17.85
C ARG B 301 -37.10 4.75 -19.04
N GLU B 302 -35.95 5.39 -18.80
CA GLU B 302 -35.10 5.80 -19.91
C GLU B 302 -34.55 4.59 -20.63
N ILE B 303 -34.16 3.55 -19.90
CA ILE B 303 -33.69 2.31 -20.53
C ILE B 303 -34.77 1.73 -21.42
N ARG B 304 -36.03 1.73 -20.95
CA ARG B 304 -37.10 1.11 -21.72
C ARG B 304 -37.38 1.89 -23.00
N ASP B 305 -37.48 3.22 -22.90
CA ASP B 305 -37.69 4.04 -24.09
C ASP B 305 -36.55 3.84 -25.09
N THR B 306 -35.31 3.84 -24.59
CA THR B 306 -34.16 3.65 -25.47
C THR B 306 -34.17 2.26 -26.08
N ALA B 307 -34.54 1.24 -25.30
CA ALA B 307 -34.60 -0.11 -25.85
C ALA B 307 -35.70 -0.22 -26.90
N ASP B 308 -36.86 0.39 -26.64
CA ASP B 308 -37.94 0.39 -27.63
C ASP B 308 -37.50 1.08 -28.91
N ALA B 309 -36.87 2.26 -28.79
CA ALA B 309 -36.44 3.01 -29.96
C ALA B 309 -35.36 2.26 -30.74
N LEU B 310 -34.37 1.70 -30.05
CA LEU B 310 -33.30 0.98 -30.76
C LEU B 310 -33.83 -0.29 -31.44
N ASN B 311 -34.88 -0.91 -30.89
CA ASN B 311 -35.47 -2.10 -31.50
C ASN B 311 -36.22 -1.78 -32.80
N LYS B 312 -37.04 -0.70 -32.81
CA LYS B 312 -37.72 -0.29 -34.05
C LYS B 312 -36.75 0.26 -35.07
N LEU B 313 -35.51 0.51 -34.67
CA LEU B 313 -34.52 0.91 -35.66
C LEU B 313 -34.02 -0.27 -36.47
N ASN B 314 -34.28 -1.49 -35.97
CA ASN B 314 -33.89 -2.74 -36.61
C ASN B 314 -32.43 -2.74 -37.05
N LEU B 315 -31.54 -2.62 -36.07
CA LEU B 315 -30.12 -2.65 -36.37
C LEU B 315 -29.74 -4.07 -36.79
N ARG B 316 -29.03 -4.18 -37.90
CA ARG B 316 -28.68 -5.50 -38.44
C ARG B 316 -27.71 -6.23 -37.53
N HIS B 317 -28.06 -7.48 -37.22
CA HIS B 317 -27.20 -8.38 -36.43
C HIS B 317 -26.81 -7.73 -35.11
N THR B 318 -27.76 -7.02 -34.51
CA THR B 318 -27.55 -6.30 -33.25
C THR B 318 -28.67 -6.65 -32.30
N GLU B 319 -28.31 -7.09 -31.10
CA GLU B 319 -29.27 -7.43 -30.06
C GLU B 319 -29.23 -6.35 -28.99
N ILE B 320 -30.42 -5.89 -28.58
CA ILE B 320 -30.56 -4.92 -27.50
C ILE B 320 -30.92 -5.66 -26.23
N LEU B 321 -30.16 -5.39 -25.16
CA LEU B 321 -30.37 -6.08 -23.88
C LEU B 321 -30.50 -5.05 -22.77
N PRO B 322 -31.72 -4.74 -22.33
CA PRO B 322 -31.91 -3.81 -21.21
C PRO B 322 -31.71 -4.51 -19.87
N LEU B 323 -30.95 -3.89 -18.98
CA LEU B 323 -30.73 -4.38 -17.63
C LEU B 323 -31.65 -3.62 -16.68
N TYR B 324 -32.73 -4.25 -16.25
CA TYR B 324 -33.61 -3.70 -15.23
C TYR B 324 -33.39 -4.43 -13.90
N ALA B 325 -33.74 -3.74 -12.81
CA ALA B 325 -33.71 -4.42 -11.51
C ALA B 325 -34.66 -5.62 -11.49
N ARG B 326 -35.79 -5.52 -12.18
CA ARG B 326 -36.84 -6.55 -12.18
C ARG B 326 -36.64 -7.58 -13.30
N LEU B 327 -35.48 -8.23 -13.35
CA LEU B 327 -35.21 -9.21 -14.40
C LEU B 327 -35.43 -10.65 -13.93
N SER B 328 -36.02 -11.45 -14.83
CA SER B 328 -36.33 -12.86 -14.65
C SER B 328 -35.09 -13.73 -14.53
N ASN B 329 -35.29 -14.94 -14.01
CA ASN B 329 -34.20 -15.87 -13.79
C ASN B 329 -33.65 -16.53 -15.06
N SER B 330 -34.31 -16.39 -16.21
CA SER B 330 -33.70 -16.78 -17.49
C SER B 330 -33.09 -15.58 -18.21
N GLU B 331 -33.28 -14.39 -17.68
CA GLU B 331 -32.63 -13.19 -18.16
C GLU B 331 -31.31 -12.90 -17.45
N GLN B 332 -31.17 -13.37 -16.22
CA GLN B 332 -29.94 -13.22 -15.46
C GLN B 332 -28.72 -13.57 -16.28
N ASN B 333 -28.66 -14.81 -16.76
CA ASN B 333 -27.41 -15.29 -17.34
C ASN B 333 -27.25 -14.96 -18.82
N ARG B 334 -28.34 -14.64 -19.55
CA ARG B 334 -28.13 -14.30 -20.96
C ARG B 334 -27.26 -13.07 -21.09
N VAL B 335 -27.21 -12.24 -20.04
CA VAL B 335 -26.13 -11.27 -19.87
C VAL B 335 -24.78 -11.96 -20.06
N PHE B 336 -24.61 -13.14 -19.46
CA PHE B 336 -23.33 -13.86 -19.48
C PHE B 336 -23.30 -15.00 -20.50
N GLN B 337 -24.28 -15.06 -21.39
CA GLN B 337 -24.27 -16.12 -22.38
C GLN B 337 -23.55 -15.62 -23.61
N SER B 338 -22.97 -16.54 -24.37
CA SER B 338 -22.32 -16.10 -25.57
C SER B 338 -23.40 -15.65 -26.55
N HIS B 339 -23.00 -14.91 -27.57
CA HIS B 339 -23.99 -14.32 -28.45
C HIS B 339 -23.31 -14.00 -29.76
N SER B 340 -24.13 -13.94 -30.80
CA SER B 340 -23.57 -13.98 -32.15
C SER B 340 -23.15 -12.62 -32.67
N GLY B 341 -24.06 -11.66 -32.71
CA GLY B 341 -23.71 -10.44 -33.40
C GLY B 341 -23.11 -9.41 -32.48
N ARG B 342 -23.59 -8.19 -32.56
CA ARG B 342 -23.24 -7.15 -31.62
C ARG B 342 -24.36 -7.04 -30.61
N ARG B 343 -24.01 -6.84 -29.35
CA ARG B 343 -24.99 -6.70 -28.29
C ARG B 343 -24.86 -5.30 -27.71
N ILE B 344 -25.99 -4.63 -27.53
CA ILE B 344 -26.03 -3.30 -26.94
C ILE B 344 -26.71 -3.44 -25.58
N VAL B 345 -25.94 -3.26 -24.52
CA VAL B 345 -26.43 -3.40 -23.16
C VAL B 345 -26.74 -2.01 -22.63
N LEU B 346 -27.96 -1.81 -22.16
CA LEU B 346 -28.38 -0.56 -21.57
C LEU B 346 -28.50 -0.76 -20.06
N ALA B 347 -27.85 0.10 -19.30
CA ALA B 347 -27.83 -0.11 -17.85
C ALA B 347 -27.70 1.23 -17.14
N THR B 348 -28.17 1.25 -15.89
CA THR B 348 -27.90 2.35 -14.99
C THR B 348 -26.47 2.21 -14.48
N ASN B 349 -26.07 3.06 -13.55
CA ASN B 349 -24.70 3.01 -13.06
C ASN B 349 -24.43 1.78 -12.15
N VAL B 350 -25.36 0.84 -11.98
CA VAL B 350 -25.02 -0.46 -11.39
C VAL B 350 -23.93 -1.15 -12.19
N ALA B 351 -23.85 -0.86 -13.48
CA ALA B 351 -22.83 -1.43 -14.33
C ALA B 351 -21.54 -0.63 -14.34
N GLU B 352 -21.48 0.43 -13.54
CA GLU B 352 -20.27 1.24 -13.48
C GLU B 352 -19.15 0.48 -12.79
N THR B 353 -19.38 0.03 -11.56
CA THR B 353 -18.36 -0.71 -10.82
C THR B 353 -18.84 -2.01 -10.19
N SER B 354 -20.14 -2.20 -9.92
CA SER B 354 -20.58 -3.37 -9.17
C SER B 354 -20.75 -4.60 -10.06
N LEU B 355 -21.33 -4.41 -11.23
CA LEU B 355 -21.56 -5.48 -12.19
C LEU B 355 -20.54 -5.36 -13.33
N THR B 356 -20.05 -6.49 -13.82
CA THR B 356 -19.21 -6.48 -15.02
C THR B 356 -19.98 -7.21 -16.11
N VAL B 357 -20.40 -6.46 -17.10
CA VAL B 357 -21.01 -7.07 -18.29
C VAL B 357 -19.89 -7.63 -19.15
N PRO B 358 -19.95 -8.90 -19.54
CA PRO B 358 -18.88 -9.48 -20.34
C PRO B 358 -18.86 -8.89 -21.74
N GLY B 359 -17.72 -9.05 -22.41
CA GLY B 359 -17.60 -8.73 -23.81
C GLY B 359 -17.70 -7.26 -24.17
N ILE B 360 -17.62 -6.36 -23.19
CA ILE B 360 -17.77 -4.94 -23.48
C ILE B 360 -16.49 -4.39 -24.10
N LYS B 361 -16.61 -3.79 -25.27
CA LYS B 361 -15.51 -3.08 -25.90
C LYS B 361 -15.77 -1.60 -26.06
N TYR B 362 -17.02 -1.16 -26.01
CA TYR B 362 -17.37 0.22 -26.27
C TYR B 362 -18.37 0.71 -25.23
N VAL B 363 -18.25 1.98 -24.87
CA VAL B 363 -19.12 2.61 -23.89
C VAL B 363 -19.66 3.90 -24.49
N ILE B 364 -20.96 4.12 -24.29
CA ILE B 364 -21.59 5.42 -24.51
C ILE B 364 -21.95 5.99 -23.14
N ASP B 365 -21.40 7.17 -22.83
CA ASP B 365 -21.54 7.79 -21.50
C ASP B 365 -22.24 9.13 -21.62
N PRO B 366 -23.55 9.21 -21.33
CA PRO B 366 -24.20 10.53 -21.26
C PRO B 366 -23.66 11.41 -20.16
N GLY B 367 -22.99 10.85 -19.16
CA GLY B 367 -22.32 11.66 -18.17
C GLY B 367 -23.17 12.13 -17.01
N THR B 368 -24.34 11.53 -16.80
CA THR B 368 -25.26 11.96 -15.75
C THR B 368 -25.65 10.77 -14.88
N ALA B 369 -26.16 11.07 -13.69
CA ALA B 369 -26.66 10.03 -12.82
C ALA B 369 -27.58 10.66 -11.78
N ARG B 370 -28.57 9.89 -11.35
CA ARG B 370 -29.34 10.27 -10.17
C ARG B 370 -28.44 10.22 -8.95
N ILE B 371 -28.50 11.24 -8.11
CA ILE B 371 -27.76 11.20 -6.86
C ILE B 371 -28.60 11.92 -5.80
N SER B 372 -28.60 11.35 -4.60
CA SER B 372 -29.37 11.92 -3.50
C SER B 372 -28.65 13.16 -3.00
N ARG B 373 -29.35 14.29 -2.98
CA ARG B 373 -28.72 15.54 -2.57
C ARG B 373 -29.74 16.45 -1.92
N TYR B 374 -29.42 16.90 -0.71
CA TYR B 374 -30.27 17.86 -0.02
C TYR B 374 -30.24 19.22 -0.72
N SER B 375 -31.40 19.82 -0.95
CA SER B 375 -31.45 21.12 -1.57
C SER B 375 -31.67 22.17 -0.48
N TYR B 376 -30.74 23.11 -0.37
CA TYR B 376 -30.85 24.19 0.60
C TYR B 376 -31.88 25.21 0.17
N ARG B 377 -32.15 25.35 -1.13
CA ARG B 377 -33.25 26.19 -1.58
C ARG B 377 -34.60 25.63 -1.13
N THR B 378 -34.88 24.36 -1.41
CA THR B 378 -36.21 23.79 -1.15
C THR B 378 -36.32 23.08 0.21
N LYS B 379 -35.23 22.93 0.95
CA LYS B 379 -35.16 22.17 2.21
C LYS B 379 -35.78 20.79 2.08
N VAL B 380 -35.41 20.09 1.01
CA VAL B 380 -35.94 18.77 0.70
C VAL B 380 -34.76 17.92 0.27
N GLN B 381 -34.74 16.67 0.72
CA GLN B 381 -33.82 15.69 0.16
C GLN B 381 -34.32 15.32 -1.24
N ARG B 382 -33.53 15.65 -2.25
CA ARG B 382 -33.93 15.44 -3.65
C ARG B 382 -33.08 14.38 -4.33
N LEU B 383 -33.47 14.06 -5.56
CA LEU B 383 -32.73 13.14 -6.42
C LEU B 383 -32.41 13.80 -7.75
N PRO B 384 -31.65 14.88 -7.75
CA PRO B 384 -31.36 15.55 -9.02
C PRO B 384 -30.58 14.61 -9.92
N ILE B 385 -30.76 14.80 -11.23
CA ILE B 385 -29.89 14.20 -12.24
C ILE B 385 -28.77 15.20 -12.48
N GLU B 386 -27.54 14.78 -12.20
CA GLU B 386 -26.41 15.69 -12.21
C GLU B 386 -25.28 15.12 -13.05
N PRO B 387 -24.38 15.97 -13.52
CA PRO B 387 -23.16 15.45 -14.15
C PRO B 387 -22.38 14.65 -13.12
N ILE B 388 -21.87 13.50 -13.56
CA ILE B 388 -21.11 12.63 -12.68
C ILE B 388 -19.72 13.21 -12.46
N SER B 389 -19.10 12.79 -11.36
CA SER B 389 -17.73 13.18 -11.07
C SER B 389 -16.76 12.62 -12.12
N GLN B 390 -15.55 13.18 -12.13
CA GLN B 390 -14.50 12.63 -12.98
C GLN B 390 -14.19 11.18 -12.61
N ALA B 391 -14.17 10.87 -11.31
CA ALA B 391 -13.89 9.50 -10.88
C ALA B 391 -14.92 8.52 -11.45
N SER B 392 -16.20 8.91 -11.41
CA SER B 392 -17.26 8.04 -11.92
C SER B 392 -17.19 7.93 -13.44
N ALA B 393 -16.90 9.03 -14.12
CA ALA B 393 -16.75 9.01 -15.58
C ALA B 393 -15.56 8.14 -15.99
N ASN B 394 -14.49 8.15 -15.19
CA ASN B 394 -13.36 7.30 -15.51
C ASN B 394 -13.66 5.83 -15.23
N GLN B 395 -14.52 5.54 -14.25
CA GLN B 395 -14.95 4.15 -14.07
C GLN B 395 -15.77 3.67 -15.25
N ARG B 396 -16.68 4.50 -15.76
CA ARG B 396 -17.46 4.13 -16.93
C ARG B 396 -16.56 3.88 -18.13
N LYS B 397 -15.60 4.79 -18.37
CA LYS B 397 -14.60 4.60 -19.42
C LYS B 397 -13.84 3.31 -19.22
N GLY B 398 -13.45 3.01 -17.97
CA GLY B 398 -12.59 1.88 -17.71
C GLY B 398 -13.19 0.53 -18.06
N ARG B 399 -14.50 0.47 -18.24
CA ARG B 399 -15.16 -0.78 -18.63
C ARG B 399 -14.83 -1.20 -20.06
N CYS B 400 -14.17 -0.36 -20.86
CA CYS B 400 -13.66 -0.79 -22.16
C CYS B 400 -12.21 -1.19 -22.12
N GLY B 401 -11.55 -1.14 -20.97
CA GLY B 401 -10.12 -1.29 -21.01
C GLY B 401 -9.58 -2.65 -20.63
N ARG B 402 -10.43 -3.68 -20.64
CA ARG B 402 -9.94 -5.04 -20.44
C ARG B 402 -9.54 -5.70 -21.75
N VAL B 403 -9.89 -5.09 -22.90
CA VAL B 403 -9.34 -5.47 -24.20
C VAL B 403 -8.72 -4.24 -24.83
N SER B 404 -7.86 -4.48 -25.82
CA SER B 404 -7.25 -3.36 -26.50
C SER B 404 -8.26 -2.68 -27.44
N GLU B 405 -8.04 -1.39 -27.64
CA GLU B 405 -8.73 -0.49 -28.56
C GLU B 405 -10.21 -0.33 -28.26
N GLY B 406 -10.53 -0.31 -26.98
CA GLY B 406 -11.87 0.06 -26.59
C GLY B 406 -12.09 1.55 -26.79
N ILE B 407 -13.34 1.92 -26.99
CA ILE B 407 -13.72 3.27 -27.36
C ILE B 407 -14.83 3.73 -26.42
N CYS B 408 -14.64 4.89 -25.80
CA CYS B 408 -15.63 5.47 -24.90
C CYS B 408 -16.06 6.80 -25.49
N ILE B 409 -17.35 6.92 -25.80
CA ILE B 409 -17.92 8.15 -26.32
C ILE B 409 -18.63 8.87 -25.17
N ARG B 410 -18.16 10.08 -24.85
CA ARG B 410 -18.77 10.90 -23.83
C ARG B 410 -19.64 11.95 -24.49
N LEU B 411 -20.92 11.98 -24.13
CA LEU B 411 -21.85 12.90 -24.76
C LEU B 411 -21.75 14.27 -24.08
N TYR B 412 -20.54 14.80 -24.04
CA TYR B 412 -20.26 16.10 -23.46
C TYR B 412 -18.84 16.46 -23.88
N SER B 413 -18.44 17.68 -23.57
CA SER B 413 -17.16 18.16 -24.06
C SER B 413 -16.04 17.84 -23.07
N GLU B 414 -14.83 17.73 -23.62
CA GLU B 414 -13.65 17.63 -22.78
C GLU B 414 -13.58 18.77 -21.78
N ASP B 415 -13.94 19.98 -22.22
CA ASP B 415 -14.03 21.14 -21.33
C ASP B 415 -14.88 20.83 -20.10
N ASP B 416 -16.09 20.30 -20.33
CA ASP B 416 -16.94 19.88 -19.23
C ASP B 416 -16.23 18.90 -18.30
N PHE B 417 -15.65 17.83 -18.87
CA PHE B 417 -15.04 16.79 -18.05
C PHE B 417 -13.98 17.36 -17.11
N LEU B 418 -13.10 18.23 -17.62
CA LEU B 418 -12.03 18.75 -16.79
C LEU B 418 -12.54 19.72 -15.73
N SER B 419 -13.74 20.28 -15.92
CA SER B 419 -14.37 21.15 -14.93
C SER B 419 -14.97 20.38 -13.76
N ARG B 420 -15.39 19.13 -13.99
CA ARG B 420 -16.11 18.35 -12.99
C ARG B 420 -15.21 18.06 -11.78
N PRO B 421 -15.81 17.81 -10.62
CA PRO B 421 -15.01 17.43 -9.44
C PRO B 421 -14.24 16.14 -9.68
N GLU B 422 -13.13 16.00 -8.93
CA GLU B 422 -12.35 14.77 -9.03
C GLU B 422 -13.13 13.58 -8.48
N PHE B 423 -13.85 13.77 -7.37
CA PHE B 423 -14.57 12.70 -6.71
C PHE B 423 -16.03 13.07 -6.51
N THR B 424 -16.85 12.03 -6.34
CA THR B 424 -18.23 12.19 -5.90
C THR B 424 -18.29 12.48 -4.41
N ASP B 425 -19.14 13.41 -4.02
CA ASP B 425 -19.42 13.65 -2.60
C ASP B 425 -19.97 12.39 -1.96
N PRO B 426 -19.45 11.97 -0.82
CA PRO B 426 -20.09 10.86 -0.10
C PRO B 426 -21.48 11.26 0.38
N GLU B 427 -22.37 10.27 0.46
CA GLU B 427 -23.78 10.55 0.77
C GLU B 427 -23.93 11.27 2.11
N ILE B 428 -23.07 10.93 3.08
CA ILE B 428 -23.12 11.53 4.42
C ILE B 428 -22.98 13.05 4.36
N LEU B 429 -22.33 13.58 3.33
CA LEU B 429 -22.09 15.01 3.24
C LEU B 429 -23.15 15.73 2.39
N ARG B 430 -24.13 15.01 1.84
CA ARG B 430 -25.19 15.61 1.03
C ARG B 430 -26.58 15.15 1.46
N THR B 431 -26.71 14.70 2.71
CA THR B 431 -27.98 14.24 3.25
C THR B 431 -28.35 15.11 4.42
N ASN B 432 -29.60 15.55 4.46
CA ASN B 432 -30.06 16.32 5.60
C ASN B 432 -29.90 15.50 6.87
N LEU B 433 -29.56 16.19 7.95
CA LEU B 433 -29.21 15.47 9.16
C LEU B 433 -30.43 14.83 9.83
N ALA B 434 -31.64 15.28 9.52
CA ALA B 434 -32.81 14.59 10.04
C ALA B 434 -32.85 13.15 9.55
N SER B 435 -32.61 12.94 8.26
CA SER B 435 -32.58 11.59 7.71
C SER B 435 -31.45 10.78 8.33
N VAL B 436 -30.28 11.38 8.47
CA VAL B 436 -29.14 10.67 9.05
C VAL B 436 -29.46 10.24 10.48
N ILE B 437 -29.96 11.17 11.30
CA ILE B 437 -30.27 10.86 12.70
C ILE B 437 -31.38 9.83 12.80
N LEU B 438 -32.40 9.95 11.95
CA LEU B 438 -33.50 8.98 11.96
C LEU B 438 -32.98 7.57 11.72
N GLN B 439 -32.07 7.39 10.76
CA GLN B 439 -31.61 6.04 10.46
C GLN B 439 -30.67 5.53 11.55
N MET B 440 -29.82 6.41 12.09
CA MET B 440 -28.96 6.02 13.20
C MET B 440 -29.80 5.62 14.41
N THR B 441 -30.88 6.36 14.67
CA THR B 441 -31.76 5.99 15.77
C THR B 441 -32.47 4.68 15.49
N ALA B 442 -32.90 4.46 14.24
CA ALA B 442 -33.55 3.20 13.92
C ALA B 442 -32.62 2.01 14.11
N LEU B 443 -31.32 2.18 13.87
CA LEU B 443 -30.33 1.11 13.98
C LEU B 443 -29.69 1.01 15.35
N GLY B 444 -29.95 1.96 16.24
CA GLY B 444 -29.30 1.99 17.54
C GLY B 444 -27.82 2.32 17.48
N LEU B 445 -27.41 3.21 16.57
CA LEU B 445 -26.00 3.54 16.45
C LEU B 445 -25.55 4.63 17.42
N GLY B 446 -26.45 5.22 18.19
CA GLY B 446 -26.04 6.17 19.21
C GLY B 446 -25.97 7.59 18.68
N ASP B 447 -25.28 8.43 19.45
CA ASP B 447 -25.34 9.85 19.15
C ASP B 447 -24.45 10.18 17.97
N ILE B 448 -25.00 10.95 17.04
CA ILE B 448 -24.32 11.28 15.79
C ILE B 448 -23.04 12.06 16.04
N ALA B 449 -22.92 12.74 17.19
CA ALA B 449 -21.71 13.51 17.48
C ALA B 449 -20.59 12.66 18.05
N ALA B 450 -20.87 11.47 18.57
CA ALA B 450 -19.81 10.59 19.06
C ALA B 450 -19.44 9.50 18.05
N PHE B 451 -20.12 9.44 16.94
CA PHE B 451 -19.91 8.36 16.00
C PHE B 451 -18.63 8.58 15.21
N PRO B 452 -17.77 7.57 15.07
CA PRO B 452 -16.49 7.74 14.33
C PRO B 452 -16.67 7.61 12.82
N PHE B 453 -17.30 8.62 12.22
CA PHE B 453 -17.47 8.66 10.77
C PHE B 453 -16.10 8.71 10.08
N VAL B 454 -16.01 8.04 8.92
CA VAL B 454 -14.92 8.31 7.99
C VAL B 454 -14.88 9.81 7.67
N GLU B 455 -16.04 10.42 7.42
CA GLU B 455 -16.17 11.86 7.20
C GLU B 455 -17.43 12.31 7.92
N ALA B 456 -17.25 13.14 8.94
CA ALA B 456 -18.35 13.55 9.80
C ALA B 456 -19.27 14.55 9.07
N PRO B 457 -20.57 14.48 9.30
CA PRO B 457 -21.46 15.51 8.77
C PRO B 457 -21.25 16.81 9.53
N ASP B 458 -21.84 17.87 8.98
CA ASP B 458 -21.72 19.21 9.56
C ASP B 458 -22.42 19.27 10.91
N LYS B 459 -21.65 19.41 11.99
CA LYS B 459 -22.23 19.42 13.33
C LYS B 459 -23.18 20.59 13.55
N ARG B 460 -23.10 21.64 12.72
CA ARG B 460 -23.98 22.79 12.90
C ARG B 460 -25.42 22.49 12.54
N ASN B 461 -25.68 21.41 11.80
CA ASN B 461 -27.03 21.06 11.39
C ASN B 461 -27.69 20.03 12.31
N ILE B 462 -26.99 19.57 13.35
CA ILE B 462 -27.50 18.46 14.15
C ILE B 462 -28.79 18.85 14.85
N GLN B 463 -28.79 20.02 15.51
CA GLN B 463 -29.92 20.40 16.34
C GLN B 463 -31.17 20.66 15.50
N ASP B 464 -31.01 21.19 14.28
CA ASP B 464 -32.19 21.34 13.42
C ASP B 464 -32.72 19.98 12.96
N GLY B 465 -31.83 19.01 12.75
CA GLY B 465 -32.29 17.66 12.43
C GLY B 465 -33.08 17.04 13.56
N VAL B 466 -32.56 17.17 14.78
CA VAL B 466 -33.29 16.65 15.96
C VAL B 466 -34.64 17.35 16.14
N ARG B 467 -34.65 18.67 16.11
CA ARG B 467 -35.85 19.49 16.15
C ARG B 467 -36.88 19.03 15.08
N LEU B 468 -36.48 18.91 13.79
CA LEU B 468 -37.41 18.44 12.76
C LEU B 468 -38.05 17.08 13.12
N LEU B 469 -37.24 16.09 13.54
CA LEU B 469 -37.76 14.74 13.82
C LEU B 469 -38.73 14.75 14.99
N GLU B 470 -38.47 15.56 16.00
CA GLU B 470 -39.42 15.73 17.09
C GLU B 470 -40.71 16.33 16.57
N GLU B 471 -40.61 17.44 15.85
CA GLU B 471 -41.81 18.08 15.28
C GLU B 471 -42.58 17.14 14.36
N LEU B 472 -41.89 16.21 13.70
CA LEU B 472 -42.59 15.25 12.85
C LEU B 472 -43.20 14.11 13.64
N GLY B 473 -42.92 14.02 14.94
CA GLY B 473 -43.44 12.92 15.73
C GLY B 473 -42.66 11.65 15.55
N ALA B 474 -41.40 11.75 15.12
CA ALA B 474 -40.60 10.60 14.73
C ALA B 474 -39.79 10.01 15.88
N ILE B 475 -39.42 10.81 16.90
CA ILE B 475 -38.52 10.38 17.96
C ILE B 475 -39.03 10.85 19.31
N THR B 476 -38.41 10.33 20.37
CA THR B 476 -38.53 10.86 21.74
C THR B 476 -37.16 10.85 22.40
N TYR B 484 -32.03 9.03 22.11
CA TYR B 484 -33.22 9.06 21.28
C TYR B 484 -33.75 7.67 21.01
N LYS B 485 -35.07 7.57 20.89
CA LYS B 485 -35.72 6.35 20.46
C LYS B 485 -36.77 6.68 19.41
N LEU B 486 -36.95 5.76 18.48
CA LEU B 486 -37.99 5.86 17.49
C LEU B 486 -39.38 5.78 18.13
N THR B 487 -40.35 6.46 17.53
CA THR B 487 -41.75 6.24 17.82
C THR B 487 -42.28 5.25 16.78
N PRO B 488 -43.45 4.64 17.00
CA PRO B 488 -44.01 3.81 15.91
C PRO B 488 -44.18 4.58 14.61
N LEU B 489 -44.53 5.86 14.68
CA LEU B 489 -44.59 6.67 13.48
C LEU B 489 -43.20 6.83 12.87
N GLY B 490 -42.20 7.11 13.72
CA GLY B 490 -40.83 7.23 13.24
C GLY B 490 -40.33 5.97 12.51
N ARG B 491 -40.70 4.79 13.01
CA ARG B 491 -40.27 3.57 12.35
C ARG B 491 -40.84 3.49 10.94
N GLN B 492 -42.10 3.88 10.77
CA GLN B 492 -42.70 3.91 9.44
C GLN B 492 -42.03 4.96 8.57
N LEU B 493 -41.64 6.10 9.15
CA LEU B 493 -40.93 7.12 8.39
C LEU B 493 -39.59 6.60 7.90
N SER B 494 -38.87 5.87 8.76
CA SER B 494 -37.56 5.32 8.38
C SER B 494 -37.67 4.33 7.23
N GLN B 495 -38.84 3.76 7.00
CA GLN B 495 -39.00 2.77 5.94
C GLN B 495 -39.40 3.40 4.60
N LEU B 496 -39.62 4.71 4.55
CA LEU B 496 -39.99 5.36 3.31
C LEU B 496 -38.78 6.09 2.74
N PRO B 497 -38.34 5.77 1.55
CA PRO B 497 -37.12 6.34 1.00
C PRO B 497 -37.29 7.72 0.34
N VAL B 498 -37.96 8.62 1.04
CA VAL B 498 -38.08 10.02 0.62
C VAL B 498 -37.72 10.89 1.81
N ASP B 499 -37.59 12.18 1.55
CA ASP B 499 -37.36 13.15 2.60
C ASP B 499 -38.34 12.94 3.76
N PRO B 500 -37.86 13.00 5.01
CA PRO B 500 -38.74 12.69 6.15
C PRO B 500 -39.96 13.59 6.23
N ARG B 501 -39.84 14.87 5.89
CA ARG B 501 -41.00 15.73 5.94
C ARG B 501 -42.01 15.33 4.88
N LEU B 502 -41.54 14.94 3.70
CA LEU B 502 -42.46 14.43 2.69
C LEU B 502 -43.02 13.07 3.10
N ALA B 503 -42.21 12.24 3.73
CA ALA B 503 -42.72 10.96 4.19
C ALA B 503 -43.80 11.14 5.24
N ARG B 504 -43.62 12.10 6.15
CA ARG B 504 -44.64 12.40 7.14
C ARG B 504 -45.97 12.73 6.48
N MET B 505 -45.92 13.47 5.38
CA MET B 505 -47.16 13.83 4.69
C MET B 505 -47.80 12.61 4.06
N VAL B 506 -46.99 11.68 3.53
CA VAL B 506 -47.54 10.45 2.99
C VAL B 506 -48.27 9.68 4.10
N LEU B 507 -47.64 9.57 5.27
CA LEU B 507 -48.30 8.85 6.36
C LEU B 507 -49.59 9.54 6.77
N GLU B 508 -49.60 10.88 6.80
CA GLU B 508 -50.82 11.60 7.15
C GLU B 508 -51.91 11.39 6.13
N ALA B 509 -51.56 11.24 4.84
CA ALA B 509 -52.57 11.02 3.82
C ALA B 509 -53.29 9.69 4.00
N GLN B 510 -52.65 8.76 4.70
CA GLN B 510 -53.26 7.46 4.96
C GLN B 510 -54.53 7.61 5.81
N LYS B 511 -54.57 8.60 6.70
CA LYS B 511 -55.79 8.90 7.45
C LYS B 511 -56.90 9.45 6.57
N HIS B 512 -56.58 9.95 5.37
CA HIS B 512 -57.57 10.68 4.58
C HIS B 512 -57.77 10.12 3.18
N GLY B 513 -57.28 8.92 2.91
CA GLY B 513 -57.56 8.27 1.64
C GLY B 513 -57.00 8.97 0.42
N CYS B 514 -55.85 9.64 0.55
CA CYS B 514 -55.23 10.31 -0.58
C CYS B 514 -53.72 10.05 -0.61
N VAL B 515 -53.31 8.82 -0.30
CA VAL B 515 -51.90 8.47 -0.39
C VAL B 515 -51.42 8.52 -1.84
N ARG B 516 -52.30 8.21 -2.80
CA ARG B 516 -51.92 8.34 -4.20
C ARG B 516 -51.47 9.76 -4.52
N GLU B 517 -52.26 10.76 -4.10
CA GLU B 517 -51.90 12.14 -4.36
C GLU B 517 -50.69 12.57 -3.54
N ALA B 518 -50.56 12.04 -2.32
CA ALA B 518 -49.38 12.33 -1.53
C ALA B 518 -48.12 11.85 -2.24
N MET B 519 -48.20 10.70 -2.91
CA MET B 519 -46.99 10.14 -3.53
C MET B 519 -46.64 10.85 -4.83
N ILE B 520 -47.67 11.31 -5.57
CA ILE B 520 -47.43 12.13 -6.75
C ILE B 520 -46.72 13.42 -6.37
N ILE B 521 -47.20 14.08 -5.33
CA ILE B 521 -46.60 15.34 -4.89
C ILE B 521 -45.20 15.09 -4.36
N THR B 522 -45.06 14.15 -3.42
CA THR B 522 -43.77 13.93 -2.79
C THR B 522 -42.71 13.57 -3.84
N SER B 523 -43.05 12.70 -4.79
CA SER B 523 -42.09 12.36 -5.83
C SER B 523 -41.79 13.57 -6.71
N ALA B 524 -42.80 14.40 -6.98
CA ALA B 524 -42.60 15.63 -7.73
C ALA B 524 -41.67 16.57 -6.98
N LEU B 525 -41.78 16.62 -5.65
CA LEU B 525 -40.90 17.49 -4.87
C LEU B 525 -39.52 16.89 -4.65
N SER B 526 -39.29 15.63 -5.03
CA SER B 526 -37.97 15.02 -4.89
C SER B 526 -37.13 15.15 -6.14
N ILE B 527 -37.60 15.88 -7.15
CA ILE B 527 -36.81 16.09 -8.35
C ILE B 527 -36.72 17.58 -8.61
N GLN B 528 -35.97 17.91 -9.65
CA GLN B 528 -35.98 19.29 -10.11
C GLN B 528 -37.18 19.48 -11.02
N ASP B 529 -37.75 20.67 -10.98
CA ASP B 529 -39.05 20.93 -11.59
C ASP B 529 -39.05 20.48 -13.05
N PRO B 530 -39.96 19.60 -13.46
CA PRO B 530 -40.04 19.19 -14.88
C PRO B 530 -40.52 20.28 -15.82
N ARG B 531 -41.05 21.39 -15.30
CA ARG B 531 -41.61 22.43 -16.15
C ARG B 531 -40.49 23.41 -16.49
N GLU B 532 -39.96 23.28 -17.71
CA GLU B 532 -38.96 24.22 -18.19
C GLU B 532 -39.62 25.53 -18.56
N ARG B 533 -38.97 26.64 -18.19
CA ARG B 533 -39.35 27.96 -18.69
C ARG B 533 -38.10 28.58 -19.30
N PRO B 534 -37.76 28.22 -20.53
CA PRO B 534 -36.65 28.89 -21.22
C PRO B 534 -37.00 30.36 -21.43
N MET B 535 -36.10 31.23 -20.98
CA MET B 535 -36.30 32.63 -21.31
C MET B 535 -36.06 32.87 -22.80
N ASP B 536 -35.62 31.84 -23.52
CA ASP B 536 -35.68 31.89 -24.96
C ASP B 536 -37.12 31.89 -25.44
N LYS B 537 -38.09 31.36 -24.67
CA LYS B 537 -39.44 31.77 -24.96
C LYS B 537 -40.13 32.59 -23.88
N GLN B 538 -40.23 32.02 -22.68
CA GLN B 538 -40.82 32.54 -21.45
C GLN B 538 -42.31 32.71 -21.79
N GLN B 539 -42.68 32.36 -23.03
CA GLN B 539 -43.94 32.81 -23.60
C GLN B 539 -44.96 31.70 -23.71
N ALA B 540 -44.59 30.60 -24.37
CA ALA B 540 -45.45 29.45 -24.53
C ALA B 540 -45.24 28.45 -23.41
N SER B 541 -44.07 28.48 -22.79
CA SER B 541 -43.79 27.55 -21.70
C SER B 541 -44.73 27.79 -20.51
N ASP B 542 -44.80 29.03 -20.02
CA ASP B 542 -45.66 29.25 -18.85
C ASP B 542 -47.15 29.21 -19.21
N GLU B 543 -47.52 29.57 -20.44
CA GLU B 543 -48.92 29.46 -20.83
C GLU B 543 -49.33 28.03 -21.08
N LYS B 544 -48.40 27.16 -21.47
CA LYS B 544 -48.70 25.73 -21.53
C LYS B 544 -48.66 25.09 -20.14
N HIS B 545 -47.85 25.63 -19.23
CA HIS B 545 -47.80 25.10 -17.87
C HIS B 545 -49.01 25.53 -17.05
N ARG B 546 -49.63 26.68 -17.37
CA ARG B 546 -50.78 27.13 -16.59
C ARG B 546 -52.04 26.30 -16.88
N ARG B 547 -52.01 25.44 -17.89
CA ARG B 547 -53.11 24.50 -18.11
C ARG B 547 -53.38 23.61 -16.90
N PHE B 548 -52.39 23.43 -16.00
CA PHE B 548 -52.55 22.59 -14.83
C PHE B 548 -52.57 23.38 -13.53
N HIS B 549 -52.70 24.71 -13.60
CA HIS B 549 -52.78 25.50 -12.39
C HIS B 549 -54.04 25.14 -11.60
N ASP B 550 -53.94 25.22 -10.28
CA ASP B 550 -55.03 24.84 -9.39
C ASP B 550 -55.38 25.99 -8.45
N LYS B 551 -56.55 25.87 -7.81
CA LYS B 551 -57.11 26.98 -7.05
C LYS B 551 -56.35 27.21 -5.75
N GLU B 552 -56.29 26.19 -4.86
CA GLU B 552 -55.75 26.49 -3.52
C GLU B 552 -54.23 26.48 -3.49
N SER B 553 -53.61 25.35 -3.85
CA SER B 553 -52.17 25.15 -3.63
C SER B 553 -51.48 24.78 -4.93
N ASP B 554 -50.21 25.18 -5.01
CA ASP B 554 -49.40 24.86 -6.17
C ASP B 554 -49.07 23.37 -6.25
N PHE B 555 -49.08 22.67 -5.11
CA PHE B 555 -48.78 21.25 -5.15
C PHE B 555 -49.79 20.45 -5.98
N LEU B 556 -51.00 20.94 -6.20
CA LEU B 556 -51.91 20.15 -7.03
C LEU B 556 -51.79 20.44 -8.51
N ALA B 557 -51.04 21.48 -8.91
CA ALA B 557 -50.60 21.55 -10.29
C ALA B 557 -49.82 20.29 -10.66
N PHE B 558 -49.01 19.78 -9.72
CA PHE B 558 -48.31 18.51 -9.95
C PHE B 558 -49.29 17.37 -10.17
N VAL B 559 -50.38 17.33 -9.39
CA VAL B 559 -51.39 16.30 -9.58
C VAL B 559 -52.06 16.45 -10.95
N ASN B 560 -52.40 17.67 -11.33
CA ASN B 560 -53.05 17.87 -12.63
C ASN B 560 -52.08 17.56 -13.77
N LEU B 561 -50.82 18.01 -13.65
CA LEU B 561 -49.83 17.66 -14.65
C LEU B 561 -49.61 16.15 -14.70
N TRP B 562 -49.69 15.48 -13.54
CA TRP B 562 -49.50 14.04 -13.51
C TRP B 562 -50.64 13.33 -14.24
N ASN B 563 -51.88 13.73 -14.00
CA ASN B 563 -53.01 13.13 -14.71
C ASN B 563 -52.95 13.46 -16.19
N TYR B 564 -52.53 14.69 -16.53
CA TYR B 564 -52.33 15.07 -17.92
C TYR B 564 -51.18 14.28 -18.56
N LEU B 565 -50.11 14.01 -17.82
CA LEU B 565 -49.03 13.20 -18.39
C LEU B 565 -49.48 11.75 -18.58
N GLY B 566 -50.41 11.28 -17.73
CA GLY B 566 -51.24 10.17 -18.11
C GLY B 566 -52.24 10.68 -19.13
N GLU B 567 -52.94 9.77 -19.81
CA GLU B 567 -53.91 10.04 -20.86
C GLU B 567 -53.17 10.46 -22.14
N GLN B 568 -51.86 10.60 -22.10
CA GLN B 568 -51.08 11.12 -23.21
C GLN B 568 -49.99 10.15 -23.61
N GLN B 569 -49.37 9.49 -22.64
CA GLN B 569 -48.50 8.38 -22.97
C GLN B 569 -49.33 7.13 -23.21
N LYS B 570 -50.66 7.25 -23.15
CA LYS B 570 -51.58 6.22 -23.60
C LYS B 570 -52.10 6.50 -25.01
N ALA B 571 -52.39 7.77 -25.33
CA ALA B 571 -52.79 8.12 -26.68
C ALA B 571 -51.61 8.09 -27.66
N LEU B 572 -50.51 8.74 -27.26
CA LEU B 572 -49.39 8.99 -28.16
C LEU B 572 -48.39 7.83 -28.16
N SER B 573 -47.69 7.71 -29.28
CA SER B 573 -46.60 6.73 -29.34
C SER B 573 -45.53 7.13 -28.34
N SER B 574 -44.66 6.16 -28.00
CA SER B 574 -43.60 6.45 -27.05
C SER B 574 -42.63 7.49 -27.60
N ASN B 575 -42.44 7.53 -28.92
CA ASN B 575 -41.61 8.55 -29.53
C ASN B 575 -42.36 9.86 -29.77
N ALA B 576 -43.69 9.82 -29.87
CA ALA B 576 -44.46 11.06 -29.99
C ALA B 576 -45.08 11.49 -28.67
N PHE B 577 -45.00 10.65 -27.64
CA PHE B 577 -45.21 11.19 -26.30
C PHE B 577 -43.95 11.91 -25.84
N ARG B 578 -42.80 11.35 -26.19
CA ARG B 578 -41.54 12.05 -26.02
C ARG B 578 -41.58 13.41 -26.71
N ARG B 579 -41.93 13.42 -27.99
CA ARG B 579 -42.06 14.67 -28.74
C ARG B 579 -42.96 15.66 -28.02
N LEU B 580 -43.99 15.17 -27.32
CA LEU B 580 -44.91 16.04 -26.59
C LEU B 580 -44.21 16.86 -25.51
N CYS B 581 -43.05 16.42 -25.02
CA CYS B 581 -42.43 17.09 -23.88
C CYS B 581 -41.59 18.29 -24.28
N ARG B 582 -41.01 18.31 -25.49
CA ARG B 582 -40.50 19.58 -25.98
C ARG B 582 -41.64 20.47 -26.47
N THR B 583 -42.63 19.88 -27.14
CA THR B 583 -43.82 20.64 -27.54
C THR B 583 -44.44 21.33 -26.33
N ASP B 584 -44.44 20.67 -25.18
CA ASP B 584 -45.05 21.22 -23.98
C ASP B 584 -44.03 21.73 -22.96
N TYR B 585 -42.77 21.87 -23.37
CA TYR B 585 -41.72 22.46 -22.53
C TYR B 585 -41.48 21.68 -21.23
N LEU B 586 -41.78 20.38 -21.25
CA LEU B 586 -41.53 19.45 -20.14
C LEU B 586 -40.16 18.79 -20.33
N ASN B 587 -39.39 18.71 -19.26
CA ASN B 587 -38.09 18.03 -19.34
C ASN B 587 -38.33 16.51 -19.36
N TYR B 588 -38.03 15.90 -20.52
CA TYR B 588 -38.31 14.49 -20.74
C TYR B 588 -37.72 13.60 -19.66
N LEU B 589 -36.46 13.86 -19.28
CA LEU B 589 -35.82 13.01 -18.28
C LEU B 589 -36.39 13.17 -16.90
N ARG B 590 -36.83 14.36 -16.57
CA ARG B 590 -37.40 14.57 -15.25
C ARG B 590 -38.77 13.93 -15.14
N VAL B 591 -39.56 14.02 -16.21
CA VAL B 591 -40.86 13.35 -16.21
C VAL B 591 -40.65 11.84 -16.04
N ARG B 592 -39.74 11.26 -16.81
CA ARG B 592 -39.43 9.84 -16.64
C ARG B 592 -38.91 9.56 -15.23
N GLU B 593 -38.11 10.48 -14.69
CA GLU B 593 -37.63 10.29 -13.33
C GLU B 593 -38.77 10.46 -12.33
N TRP B 594 -39.65 11.45 -12.56
CA TRP B 594 -40.86 11.56 -11.75
C TRP B 594 -41.63 10.25 -11.71
N GLN B 595 -41.82 9.61 -12.87
CA GLN B 595 -42.58 8.36 -12.90
C GLN B 595 -41.82 7.22 -12.23
N ASP B 596 -40.50 7.15 -12.43
CA ASP B 596 -39.71 6.11 -11.77
C ASP B 596 -39.79 6.24 -10.25
N ILE B 597 -39.64 7.46 -9.72
CA ILE B 597 -39.66 7.66 -8.28
C ILE B 597 -41.05 7.34 -7.72
N TYR B 598 -42.10 7.80 -8.39
CA TYR B 598 -43.45 7.45 -7.94
C TYR B 598 -43.65 5.93 -7.92
N THR B 599 -43.28 5.25 -9.01
CA THR B 599 -43.45 3.80 -9.10
C THR B 599 -42.75 3.09 -7.94
N GLN B 600 -41.50 3.47 -7.66
CA GLN B 600 -40.77 2.82 -6.59
C GLN B 600 -41.38 3.14 -5.23
N LEU B 601 -41.77 4.40 -5.02
CA LEU B 601 -42.41 4.78 -3.77
C LEU B 601 -43.72 4.03 -3.56
N ARG B 602 -44.53 3.90 -4.61
CA ARG B 602 -45.81 3.20 -4.47
C ARG B 602 -45.59 1.74 -4.08
N GLN B 603 -44.58 1.10 -4.67
CA GLN B 603 -44.30 -0.29 -4.32
C GLN B 603 -43.95 -0.41 -2.84
N VAL B 604 -43.11 0.49 -2.32
CA VAL B 604 -42.73 0.41 -0.92
C VAL B 604 -43.94 0.67 -0.03
N VAL B 605 -44.70 1.72 -0.34
CA VAL B 605 -45.90 2.05 0.42
C VAL B 605 -46.85 0.86 0.49
N LYS B 606 -47.08 0.21 -0.66
CA LYS B 606 -47.97 -0.95 -0.68
C LYS B 606 -47.41 -2.10 0.15
N GLU B 607 -46.10 -2.37 0.02
CA GLU B 607 -45.46 -3.44 0.77
C GLU B 607 -45.58 -3.25 2.28
N LEU B 608 -45.67 -2.00 2.73
CA LEU B 608 -45.88 -1.74 4.15
C LEU B 608 -47.34 -1.81 4.57
N GLY B 609 -48.23 -2.18 3.66
CA GLY B 609 -49.64 -2.23 3.97
C GLY B 609 -50.31 -0.88 4.08
N ILE B 610 -49.67 0.18 3.61
CA ILE B 610 -50.28 1.50 3.65
C ILE B 610 -51.32 1.58 2.53
N PRO B 611 -52.57 1.94 2.82
CA PRO B 611 -53.60 1.89 1.77
C PRO B 611 -53.42 2.99 0.75
N VAL B 612 -53.66 2.66 -0.52
CA VAL B 612 -53.54 3.59 -1.63
C VAL B 612 -54.88 3.62 -2.33
N ASN B 613 -55.45 4.82 -2.46
CA ASN B 613 -56.78 4.94 -3.07
C ASN B 613 -56.75 4.47 -4.52
N SER B 614 -57.70 3.61 -4.88
CA SER B 614 -57.82 3.19 -6.27
C SER B 614 -58.37 4.32 -7.14
N GLU B 615 -59.23 5.16 -6.56
CA GLU B 615 -59.86 6.27 -7.26
C GLU B 615 -59.26 7.58 -6.78
N PRO B 616 -58.96 8.51 -7.69
CA PRO B 616 -58.43 9.81 -7.27
C PRO B 616 -59.30 10.48 -6.21
N ALA B 617 -58.67 10.86 -5.11
CA ALA B 617 -59.39 11.53 -4.04
C ALA B 617 -59.68 12.96 -4.44
N GLU B 618 -60.59 13.61 -3.70
CA GLU B 618 -60.93 14.98 -4.01
C GLU B 618 -60.31 15.91 -2.99
N TYR B 619 -60.48 17.21 -3.24
CA TYR B 619 -59.56 18.24 -2.78
C TYR B 619 -59.54 18.44 -1.26
N ARG B 620 -60.60 18.09 -0.52
CA ARG B 620 -60.57 18.45 0.89
C ARG B 620 -59.62 17.58 1.72
N GLU B 621 -59.70 16.25 1.57
CA GLU B 621 -58.85 15.37 2.38
C GLU B 621 -57.43 15.32 1.88
N ILE B 622 -57.18 15.91 0.72
CA ILE B 622 -55.81 16.09 0.26
C ILE B 622 -55.11 17.20 1.00
N HIS B 623 -55.83 18.25 1.40
CA HIS B 623 -55.20 19.40 2.02
C HIS B 623 -55.22 19.37 3.53
N ILE B 624 -56.22 18.75 4.15
CA ILE B 624 -56.11 18.52 5.59
C ILE B 624 -54.89 17.65 5.88
N ALA B 625 -54.49 16.82 4.91
CA ALA B 625 -53.29 16.00 5.04
C ALA B 625 -52.01 16.82 4.85
N LEU B 626 -51.98 17.73 3.88
CA LEU B 626 -50.79 18.57 3.73
C LEU B 626 -50.73 19.61 4.86
N LEU B 627 -51.84 20.32 5.10
CA LEU B 627 -51.92 21.21 6.25
C LEU B 627 -51.82 20.40 7.54
PB ADP D . 13.71 4.05 0.45
O1B ADP D . 14.85 4.44 1.40
O2B ADP D . 12.34 4.04 1.08
O3B ADP D . 14.01 2.80 -0.36
PA ADP D . 14.69 6.34 -1.03
O1A ADP D . 16.06 5.70 -1.09
O2A ADP D . 14.44 7.65 -0.27
O3A ADP D . 13.58 5.24 -0.62
O5' ADP D . 14.23 6.63 -2.55
C5' ADP D . 13.02 7.38 -2.73
C4' ADP D . 12.87 7.68 -4.20
O4' ADP D . 13.77 8.74 -4.56
C3' ADP D . 13.23 6.44 -5.00
O3' ADP D . 12.17 6.07 -5.87
C2' ADP D . 14.44 6.86 -5.79
O2' ADP D . 14.32 6.41 -7.14
C1' ADP D . 14.53 8.38 -5.70
N9 ADP D . 15.97 8.61 -5.56
C8 ADP D . 16.74 8.24 -4.51
N7 ADP D . 18.04 8.56 -4.72
C5 ADP D . 18.12 9.14 -5.93
C6 ADP D . 19.20 9.71 -6.76
N6 ADP D . 20.48 9.72 -6.32
N1 ADP D . 18.86 10.22 -7.96
C2 ADP D . 17.58 10.22 -8.42
N3 ADP D . 16.56 9.71 -7.71
C4 ADP D . 16.77 9.17 -6.48
MG MG E . 16.56 3.30 2.04
PB ADP F . -14.96 -7.34 -9.32
O1B ADP F . -15.72 -7.44 -8.01
O2B ADP F . -13.45 -7.30 -9.10
O3B ADP F . -15.47 -6.27 -10.28
PA ADP F . -16.23 -9.88 -9.93
O1A ADP F . -15.75 -10.95 -8.96
O2A ADP F . -17.56 -9.22 -9.67
O3A ADP F . -15.11 -8.74 -10.13
O5' ADP F . -16.21 -10.54 -11.40
C5' ADP F . -15.14 -11.36 -11.86
C4' ADP F . -15.48 -11.94 -13.24
O4' ADP F . -16.42 -12.99 -13.07
C3' ADP F . -16.11 -10.86 -14.12
O3' ADP F . -15.41 -10.75 -15.36
C2' ADP F . -17.52 -11.34 -14.38
O2' ADP F . -17.92 -11.16 -15.75
C1' ADP F . -17.52 -12.81 -13.97
N9 ADP F . -18.82 -12.99 -13.29
C8 ADP F . -19.23 -12.35 -12.19
N7 ADP F . -20.49 -12.72 -11.86
C5 ADP F . -20.90 -13.59 -12.80
C6 ADP F . -22.13 -14.37 -13.06
N6 ADP F . -23.20 -14.26 -12.23
N1 ADP F . -22.14 -15.16 -14.16
C2 ADP F . -21.08 -15.27 -14.98
N3 ADP F . -19.94 -14.59 -14.81
C4 ADP F . -19.80 -13.76 -13.76
MG MG G . -17.18 -6.26 -7.17
P PO4 H . -32.86 23.93 -8.37
O1 PO4 H . -32.27 24.39 -7.06
O2 PO4 H . -34.31 23.59 -8.18
O3 PO4 H . -32.11 22.72 -8.90
O4 PO4 H . -32.73 25.05 -9.37
#